data_2Y9Z
#
_entry.id   2Y9Z
#
_cell.length_a   284.028
_cell.length_b   284.028
_cell.length_c   193.423
_cell.angle_alpha   90.00
_cell.angle_beta   90.00
_cell.angle_gamma   120.00
#
_symmetry.space_group_name_H-M   'P 65 2 2'
#
loop_
_entity.id
_entity.type
_entity.pdbx_description
1 polymer 'IMITATION SWITCH PROTEIN 1 (DEL_ATPASE)'
2 polymer 'ISWI ONE COMPLEX PROTEIN 3'
3 polymer I-DNA/E-DNA
#
loop_
_entity_poly.entity_id
_entity_poly.type
_entity_poly.pdbx_seq_one_letter_code
_entity_poly.pdbx_strand_id
1 'polypeptide(L)'
;MLLNPTKRERKENYSIDNYYKDVLNTGRSSTPSHPRMPKPHVFHSHQLQPPQLKVLYEKERMWTAKKTGYVPTMDDVKAA
YGDISDEEEKKQKLELLKLSVNNSQPLTEEEEKMKADWESEGFTNWNKLEFRKFITVSGKYGRNSIQAIARELAPGKTLE
EVRAYAKAFWSNIERIEDYEKYLKIIENEEEKIKRVKMQQEALRRKLSEYKNPFFDLKLKHPPSSNNKRTYSEEEDRFIL
LMLFKYGLDRDDVYELVRDEIRDCPLFELDFYFRSRTPVELARRGNTLLQCLEKEFNAGIVLDDATKDRMKKEDENGKRI
REEFADQTANEKENVDGVESKKAKIEDTSNVGTEQLVAEKIPENETTHHHHHHH
;
A
2 'polypeptide(L)'
;MVAPKPKPAHEQVEPALIPSNWTSVIPLLTSDFKNQYSVISRLKNPNMKPVPYAGDIIKLMAFINKFSSFFHSDLQNLSF
QDFEVGLDLYPGDPNGSAAGIVKGPEDTSLLLYPDFMAIKDIVYCQDKMNLLFLSLLDLTFTENFDGKSAKKKGPLTTWE
NLKSSSKKVFSNPLYRLRLVAREWGYPREWRQQLPSDQDISKPKTALFEQDEQTPVVDPSHPEILTPNIYTWNANEPLPL
ESNPLYNREMDKNGILALKPMDRVVLLRALTDWCASHSSAIHDEIYKLTHGKKDPVFGIQTQQVPRYTIEGVDNTINQFK
KLCSLIQSRYEIRSKKKHFVKQLKEGKKPDLSRKLEILKEIKAELKNAVKSEKDELLFSLYDKWVPLFEGELPDQPLANP
FSERLYKLRLQEFFLGRVPHIGDFYMPRLHSYGDSLEMSTFTDLRNLQALLSKFKNNEYNAFTLFENDGQSMSAQFKLFY
HDTPSLAHDVARGRNTSGKVYWYELCHDSATLLEFLEFLDYKIVKPQDEKKEGNEKEKEALNNEAHILEQKSTTDNNPSI
NTNPLPKDAKYNTARKKLQILKEFLSDYYFILRQFEQMKVQFADMKPGKRQLRRIQRQTVNYNT
;
B
3 'polydeoxyribonucleotide'
;(DG)(DC)(DG)(DC)(DA)(DT)(DG)(DA)(DA)(DC)(DC)(DC)(DG)(DT)(DA)(DT)(DA)(DT)(DA)(DA)
(DG)(DC)(DC)(DT)(DA)(DG)(DG)(DC)(DT)(DT)(DA)(DT)(DA)(DT)(DA)(DC)(DG)(DG)(DG)(DT)
(DT)(DC)(DA)(DT)(DG)(DC)(DG)(DC)
;
C,D,E,F
#
loop_
_chem_comp.id
_chem_comp.type
_chem_comp.name
_chem_comp.formula
DA DNA linking 2'-DEOXYADENOSINE-5'-MONOPHOSPHATE 'C10 H14 N5 O6 P'
DC DNA linking 2'-DEOXYCYTIDINE-5'-MONOPHOSPHATE 'C9 H14 N3 O7 P'
DG DNA linking 2'-DEOXYGUANOSINE-5'-MONOPHOSPHATE 'C10 H14 N5 O7 P'
DT DNA linking THYMIDINE-5'-MONOPHOSPHATE 'C10 H15 N2 O8 P'
#
# COMPACT_ATOMS: atom_id res chain seq x y z
N ARG A 28 16.08 42.76 -73.40
CA ARG A 28 14.87 42.06 -73.78
C ARG A 28 14.69 40.79 -72.93
N SER A 29 13.44 40.38 -72.73
CA SER A 29 13.14 39.17 -71.96
C SER A 29 11.73 38.68 -72.22
N SER A 30 11.61 37.44 -72.68
CA SER A 30 10.31 36.85 -72.99
C SER A 30 9.79 36.00 -71.83
N THR A 31 9.02 36.62 -70.94
CA THR A 31 8.45 35.93 -69.79
C THR A 31 6.93 36.01 -69.77
N PRO A 32 6.25 35.16 -70.57
CA PRO A 32 4.79 35.12 -70.66
C PRO A 32 4.15 34.38 -69.49
N SER A 33 3.80 35.11 -68.44
CA SER A 33 3.11 34.52 -67.29
C SER A 33 1.74 35.13 -67.10
N HIS A 34 1.18 35.00 -65.90
CA HIS A 34 -0.13 35.59 -65.60
C HIS A 34 -0.10 36.49 -64.36
N PRO A 35 0.12 35.91 -63.16
CA PRO A 35 0.21 36.76 -61.98
C PRO A 35 1.67 37.00 -61.60
N ARG A 36 1.94 38.01 -60.77
CA ARG A 36 3.28 38.19 -60.23
C ARG A 36 3.35 37.47 -58.87
N MET A 37 4.20 37.97 -57.97
CA MET A 37 4.32 37.35 -56.65
C MET A 37 3.93 38.31 -55.53
N PRO A 38 2.64 38.65 -55.44
CA PRO A 38 2.10 39.57 -54.42
C PRO A 38 2.11 38.96 -53.01
N LYS A 39 3.28 38.79 -52.43
CA LYS A 39 3.40 38.23 -51.09
C LYS A 39 4.86 38.05 -50.68
N PRO A 40 5.22 38.58 -49.51
CA PRO A 40 6.57 38.40 -48.96
C PRO A 40 6.83 36.93 -48.62
N HIS A 41 7.24 36.67 -47.38
CA HIS A 41 7.48 35.31 -46.93
C HIS A 41 6.40 34.85 -45.96
N VAL A 42 6.37 33.55 -45.68
CA VAL A 42 5.41 33.01 -44.73
C VAL A 42 5.78 33.40 -43.30
N PHE A 43 5.38 34.60 -42.90
CA PHE A 43 5.70 35.11 -41.57
C PHE A 43 4.90 34.42 -40.46
N HIS A 44 4.08 33.43 -40.82
CA HIS A 44 3.41 32.64 -39.81
C HIS A 44 4.46 31.86 -39.04
N SER A 45 5.52 31.48 -39.73
CA SER A 45 6.69 30.91 -39.10
C SER A 45 7.71 32.01 -38.84
N HIS A 46 7.23 33.15 -38.33
CA HIS A 46 8.10 34.28 -38.05
C HIS A 46 9.16 33.90 -37.02
N GLN A 47 10.40 33.85 -37.50
CA GLN A 47 11.54 33.58 -36.65
C GLN A 47 11.93 34.86 -35.90
N LEU A 48 10.92 35.71 -35.69
CA LEU A 48 11.07 36.96 -34.95
C LEU A 48 12.14 37.89 -35.53
N GLN A 49 11.72 38.70 -36.50
CA GLN A 49 12.64 39.56 -37.23
C GLN A 49 12.05 40.95 -37.40
N PRO A 50 12.90 41.97 -37.61
CA PRO A 50 12.50 43.38 -37.69
C PRO A 50 11.25 43.58 -38.54
N PRO A 51 10.12 43.90 -37.90
CA PRO A 51 8.83 44.05 -38.57
C PRO A 51 8.89 45.00 -39.77
N GLN A 52 9.84 45.92 -39.77
CA GLN A 52 9.95 46.89 -40.86
C GLN A 52 10.50 46.23 -42.14
N LEU A 53 10.89 44.97 -42.02
CA LEU A 53 11.46 44.21 -43.12
C LEU A 53 10.38 43.74 -44.10
N LYS A 54 9.13 43.95 -43.74
CA LYS A 54 8.00 43.62 -44.61
C LYS A 54 7.73 44.78 -45.55
N VAL A 55 8.04 45.99 -45.09
CA VAL A 55 7.85 47.18 -45.90
C VAL A 55 8.76 47.11 -47.13
N LEU A 56 9.82 46.31 -47.03
CA LEU A 56 10.76 46.14 -48.12
C LEU A 56 10.25 45.14 -49.14
N TYR A 57 9.91 43.95 -48.68
CA TYR A 57 9.44 42.88 -49.57
C TYR A 57 8.17 43.29 -50.30
N GLU A 58 7.61 44.43 -49.91
CA GLU A 58 6.44 44.98 -50.60
C GLU A 58 6.88 46.09 -51.56
N LYS A 59 7.91 46.83 -51.18
CA LYS A 59 8.52 47.81 -52.09
C LYS A 59 9.16 47.05 -53.24
N GLU A 60 9.46 45.78 -53.00
CA GLU A 60 10.03 44.92 -54.02
C GLU A 60 8.93 44.29 -54.86
N ARG A 61 8.06 43.53 -54.19
CA ARG A 61 6.88 42.97 -54.84
C ARG A 61 6.34 43.90 -55.92
N MET A 62 6.23 45.19 -55.59
CA MET A 62 5.70 46.18 -56.52
C MET A 62 6.66 46.47 -57.66
N TRP A 63 7.93 46.68 -57.33
CA TRP A 63 8.94 47.00 -58.34
C TRP A 63 9.13 45.81 -59.29
N THR A 64 9.23 44.62 -58.73
CA THR A 64 9.35 43.41 -59.54
C THR A 64 8.17 43.30 -60.48
N ALA A 65 7.01 43.74 -60.01
CA ALA A 65 5.79 43.68 -60.81
C ALA A 65 5.93 44.46 -62.12
N LYS A 66 6.06 45.77 -62.02
CA LYS A 66 6.14 46.62 -63.21
C LYS A 66 7.39 46.33 -64.05
N LYS A 67 8.44 45.84 -63.39
CA LYS A 67 9.68 45.50 -64.08
C LYS A 67 9.43 44.34 -65.04
N THR A 68 8.34 43.60 -64.79
CA THR A 68 7.93 42.52 -65.68
C THR A 68 6.70 42.93 -66.48
N GLY A 69 5.83 43.72 -65.87
CA GLY A 69 4.68 44.28 -66.56
C GLY A 69 3.33 43.68 -66.17
N TYR A 70 3.36 42.53 -65.51
CA TYR A 70 2.14 41.77 -65.16
C TYR A 70 1.05 42.61 -64.50
N VAL A 71 0.19 43.19 -65.34
CA VAL A 71 -0.87 44.09 -64.89
C VAL A 71 -1.68 43.55 -63.70
N PRO A 72 -2.03 44.43 -62.76
CA PRO A 72 -2.87 44.08 -61.61
C PRO A 72 -4.32 43.87 -62.04
N THR A 73 -5.05 43.04 -61.29
CA THR A 73 -6.45 42.77 -61.58
C THR A 73 -7.22 42.60 -60.28
N MET A 74 -8.54 42.81 -60.34
CA MET A 74 -9.39 42.52 -59.20
C MET A 74 -9.15 41.07 -58.79
N ASP A 75 -8.80 40.25 -59.78
CA ASP A 75 -8.44 38.86 -59.56
C ASP A 75 -7.24 38.76 -58.63
N ASP A 76 -6.21 39.57 -58.93
CA ASP A 76 -5.00 39.59 -58.11
C ASP A 76 -5.29 40.03 -56.67
N VAL A 77 -6.49 40.58 -56.45
CA VAL A 77 -6.88 41.03 -55.11
C VAL A 77 -7.27 39.84 -54.24
N LYS A 78 -6.27 39.10 -53.77
CA LYS A 78 -6.51 37.95 -52.89
C LYS A 78 -6.17 38.28 -51.44
N ALA A 79 -5.10 39.04 -51.23
CA ALA A 79 -4.69 39.45 -49.89
C ALA A 79 -5.65 40.52 -49.37
N ALA A 80 -6.14 41.35 -50.28
CA ALA A 80 -7.14 42.37 -49.94
C ALA A 80 -8.51 41.96 -50.47
N TYR A 81 -8.82 40.68 -50.37
CA TYR A 81 -10.08 40.13 -50.86
C TYR A 81 -11.21 40.39 -49.85
N GLY A 82 -11.67 39.33 -49.20
CA GLY A 82 -12.76 39.44 -48.23
C GLY A 82 -13.93 40.26 -48.75
N ASP A 83 -14.18 40.16 -50.05
CA ASP A 83 -15.24 40.93 -50.70
C ASP A 83 -15.93 40.13 -51.79
N ILE A 84 -17.25 40.02 -51.68
CA ILE A 84 -18.03 39.30 -52.69
C ILE A 84 -18.70 40.29 -53.64
N SER A 85 -17.86 40.95 -54.45
CA SER A 85 -18.32 41.92 -55.45
C SER A 85 -19.16 43.06 -54.87
N ASP A 86 -18.56 43.87 -54.01
CA ASP A 86 -19.19 45.09 -53.52
C ASP A 86 -18.96 46.21 -54.52
N GLU A 87 -18.87 47.44 -54.03
CA GLU A 87 -18.50 48.57 -54.87
C GLU A 87 -17.32 49.36 -54.31
N GLU A 88 -16.44 48.65 -53.61
CA GLU A 88 -15.16 49.20 -53.19
C GLU A 88 -14.09 48.74 -54.17
N GLU A 89 -14.40 47.66 -54.89
CA GLU A 89 -13.50 47.10 -55.87
C GLU A 89 -13.42 47.99 -57.11
N LYS A 90 -14.37 48.91 -57.23
CA LYS A 90 -14.37 49.87 -58.32
C LYS A 90 -13.05 50.63 -58.39
N LYS A 91 -12.44 50.82 -57.23
CA LYS A 91 -11.20 51.57 -57.13
C LYS A 91 -10.02 50.70 -56.70
N GLN A 92 -10.32 49.63 -55.96
CA GLN A 92 -9.28 48.72 -55.47
C GLN A 92 -8.27 48.36 -56.55
N LYS A 93 -8.75 47.77 -57.65
CA LYS A 93 -7.88 47.39 -58.74
C LYS A 93 -7.11 48.58 -59.30
N LEU A 94 -7.83 49.62 -59.74
CA LEU A 94 -7.20 50.81 -60.31
C LEU A 94 -6.36 51.56 -59.28
N GLU A 95 -6.43 51.13 -58.03
CA GLU A 95 -5.64 51.73 -56.96
C GLU A 95 -4.31 51.01 -56.79
N LEU A 96 -4.38 49.71 -56.52
CA LEU A 96 -3.18 48.89 -56.44
C LEU A 96 -2.38 49.04 -57.72
N LEU A 97 -3.09 49.23 -58.82
CA LEU A 97 -2.48 49.43 -60.13
C LEU A 97 -1.49 50.59 -60.09
N LYS A 98 -1.97 51.75 -59.66
CA LYS A 98 -1.14 52.95 -59.58
C LYS A 98 -0.32 52.98 -58.29
N LEU A 99 0.08 51.81 -57.84
CA LEU A 99 0.96 51.67 -56.69
C LEU A 99 2.13 50.79 -57.10
N SER A 100 1.87 49.89 -58.04
CA SER A 100 2.90 49.04 -58.63
C SER A 100 3.49 49.73 -59.85
N VAL A 101 2.62 50.22 -60.73
CA VAL A 101 3.04 51.05 -61.86
C VAL A 101 3.78 52.26 -61.32
N ASN A 102 3.24 52.83 -60.25
CA ASN A 102 3.87 53.95 -59.59
C ASN A 102 4.81 53.45 -58.50
N ASN A 103 5.93 52.88 -58.90
CA ASN A 103 6.93 52.39 -57.95
C ASN A 103 8.14 53.32 -57.90
N SER A 104 7.94 54.52 -57.37
CA SER A 104 9.02 55.51 -57.29
C SER A 104 9.99 55.16 -56.16
N GLN A 105 10.38 53.90 -56.09
CA GLN A 105 11.28 53.40 -55.06
C GLN A 105 11.73 51.96 -55.30
N PRO A 106 12.44 51.71 -56.41
CA PRO A 106 13.09 50.40 -56.63
C PRO A 106 14.31 50.20 -55.72
N LEU A 107 14.15 50.50 -54.44
CA LEU A 107 15.16 50.19 -53.41
C LEU A 107 16.42 51.06 -53.44
N THR A 108 16.48 52.01 -52.51
CA THR A 108 17.66 52.87 -52.37
C THR A 108 18.89 52.02 -52.10
N GLU A 109 20.06 52.51 -52.53
CA GLU A 109 21.30 51.83 -52.28
C GLU A 109 21.56 51.75 -50.78
N GLU A 110 20.85 52.59 -50.02
CA GLU A 110 20.89 52.51 -48.57
C GLU A 110 19.81 51.57 -48.08
N GLU A 111 18.66 51.61 -48.75
CA GLU A 111 17.59 50.68 -48.43
C GLU A 111 18.10 49.25 -48.49
N GLU A 112 18.80 48.92 -49.56
CA GLU A 112 19.39 47.59 -49.71
C GLU A 112 20.38 47.29 -48.59
N LYS A 113 20.90 48.34 -47.96
CA LYS A 113 21.73 48.17 -46.77
C LYS A 113 20.85 47.80 -45.58
N MET A 114 19.80 48.60 -45.38
CA MET A 114 18.85 48.34 -44.31
C MET A 114 18.25 46.95 -44.48
N LYS A 115 18.15 46.52 -45.74
CA LYS A 115 17.70 45.16 -46.02
C LYS A 115 18.68 44.15 -45.43
N ALA A 116 19.92 44.22 -45.89
CA ALA A 116 20.95 43.29 -45.45
C ALA A 116 21.04 43.18 -43.93
N ASP A 117 21.18 44.33 -43.27
CA ASP A 117 21.36 44.37 -41.82
C ASP A 117 20.19 43.76 -41.07
N TRP A 118 18.97 44.01 -41.52
CA TRP A 118 17.80 43.45 -40.85
C TRP A 118 17.69 41.94 -40.99
N GLU A 119 18.01 41.43 -42.18
CA GLU A 119 17.91 39.99 -42.42
C GLU A 119 19.11 39.22 -41.85
N SER A 120 19.89 39.89 -41.02
CA SER A 120 20.92 39.21 -40.23
C SER A 120 20.46 39.20 -38.78
N GLU A 121 19.85 40.30 -38.35
CA GLU A 121 19.36 40.44 -36.98
C GLU A 121 18.28 39.41 -36.66
N GLY A 122 17.68 38.84 -37.71
CA GLY A 122 16.63 37.86 -37.53
C GLY A 122 17.14 36.52 -37.04
N PHE A 123 16.29 35.51 -37.12
CA PHE A 123 16.66 34.16 -36.68
C PHE A 123 16.44 33.14 -37.78
N THR A 124 17.23 33.25 -38.84
CA THR A 124 17.17 32.32 -39.97
C THR A 124 17.14 30.87 -39.52
N ASN A 125 17.79 30.60 -38.39
CA ASN A 125 17.91 29.24 -37.86
C ASN A 125 16.60 28.66 -37.32
N TRP A 126 16.08 29.24 -36.25
CA TRP A 126 14.86 28.75 -35.63
C TRP A 126 13.76 28.53 -36.65
N ASN A 127 12.90 27.55 -36.38
CA ASN A 127 11.84 27.17 -37.31
C ASN A 127 10.48 26.98 -36.63
N LYS A 128 9.98 25.75 -36.65
CA LYS A 128 8.71 25.45 -36.02
C LYS A 128 8.80 24.28 -35.05
N LEU A 129 9.58 23.26 -35.42
CA LEU A 129 9.82 22.14 -34.52
C LEU A 129 10.74 22.59 -33.40
N GLU A 130 11.66 23.49 -33.72
CA GLU A 130 12.55 24.05 -32.72
C GLU A 130 11.76 24.89 -31.72
N PHE A 131 10.65 25.48 -32.18
CA PHE A 131 9.81 26.32 -31.33
C PHE A 131 8.88 25.48 -30.46
N ARG A 132 8.06 24.66 -31.11
CA ARG A 132 7.13 23.79 -30.42
C ARG A 132 7.80 23.11 -29.22
N LYS A 133 8.93 22.46 -29.45
CA LYS A 133 9.64 21.77 -28.38
C LYS A 133 10.21 22.76 -27.37
N PHE A 134 10.68 23.91 -27.84
CA PHE A 134 11.21 24.93 -26.95
C PHE A 134 10.15 25.43 -25.98
N ILE A 135 9.14 26.10 -26.52
CA ILE A 135 8.11 26.73 -25.70
C ILE A 135 7.66 25.82 -24.57
N THR A 136 7.49 24.54 -24.86
CA THR A 136 7.07 23.57 -23.86
C THR A 136 8.05 23.55 -22.70
N VAL A 137 9.22 22.99 -22.93
CA VAL A 137 10.24 22.85 -21.89
C VAL A 137 10.58 24.20 -21.27
N SER A 138 10.52 25.26 -22.06
CA SER A 138 10.83 26.60 -21.57
C SER A 138 9.91 26.97 -20.42
N GLY A 139 8.82 26.21 -20.27
CA GLY A 139 7.90 26.40 -19.18
C GLY A 139 8.05 25.30 -18.14
N LYS A 140 8.32 24.09 -18.61
CA LYS A 140 8.44 22.94 -17.72
C LYS A 140 9.73 22.98 -16.91
N TYR A 141 10.87 22.86 -17.59
CA TYR A 141 12.17 22.81 -16.92
C TYR A 141 12.57 24.16 -16.32
N GLY A 142 11.57 24.95 -15.94
CA GLY A 142 11.79 26.29 -15.46
C GLY A 142 11.25 27.30 -16.45
N ARG A 143 11.46 28.57 -16.17
CA ARG A 143 11.05 29.65 -17.06
C ARG A 143 12.27 30.37 -17.61
N ASN A 144 13.20 30.70 -16.71
CA ASN A 144 14.47 31.31 -17.09
C ASN A 144 15.59 30.30 -17.01
N SER A 145 15.25 29.06 -16.67
CA SER A 145 16.24 27.99 -16.55
C SER A 145 16.73 27.56 -17.93
N ILE A 146 17.41 28.47 -18.63
CA ILE A 146 17.83 28.23 -20.00
C ILE A 146 18.48 26.86 -20.17
N GLN A 147 19.61 26.66 -19.50
CA GLN A 147 20.37 25.42 -19.63
C GLN A 147 19.46 24.20 -19.66
N ALA A 148 18.49 24.16 -18.75
CA ALA A 148 17.59 23.01 -18.61
C ALA A 148 16.65 22.85 -19.79
N ILE A 149 16.52 23.89 -20.60
CA ILE A 149 15.65 23.84 -21.76
C ILE A 149 16.48 23.86 -23.04
N ALA A 150 17.61 24.55 -22.98
CA ALA A 150 18.52 24.61 -24.12
C ALA A 150 19.08 23.22 -24.38
N ARG A 151 19.47 22.55 -23.30
CA ARG A 151 20.07 21.22 -23.42
C ARG A 151 19.12 20.28 -24.17
N GLU A 152 17.82 20.49 -23.99
CA GLU A 152 16.83 19.63 -24.63
C GLU A 152 16.53 20.10 -26.05
N LEU A 153 17.46 20.84 -26.63
CA LEU A 153 17.36 21.26 -28.03
C LEU A 153 18.73 21.19 -28.68
N ALA A 154 19.49 20.18 -28.31
CA ALA A 154 20.87 20.03 -28.76
C ALA A 154 21.03 20.09 -30.28
N PRO A 155 20.23 19.30 -31.01
CA PRO A 155 20.30 19.34 -32.48
C PRO A 155 19.86 20.70 -33.03
N GLY A 156 19.04 21.41 -32.25
CA GLY A 156 18.57 22.72 -32.66
C GLY A 156 19.71 23.68 -32.92
N LYS A 157 20.36 24.11 -31.85
CA LYS A 157 21.53 24.99 -31.95
C LYS A 157 22.11 25.19 -30.55
N THR A 158 23.42 25.43 -30.48
CA THR A 158 24.16 25.38 -29.21
C THR A 158 23.58 26.22 -28.07
N LEU A 159 24.12 25.99 -26.87
CA LEU A 159 23.72 26.68 -25.66
C LEU A 159 23.62 28.19 -25.92
N GLU A 160 24.67 28.76 -26.47
CA GLU A 160 24.67 30.16 -26.86
C GLU A 160 23.52 30.42 -27.83
N GLU A 161 23.53 29.69 -28.93
CA GLU A 161 22.52 29.85 -29.98
C GLU A 161 21.10 29.87 -29.41
N VAL A 162 20.91 29.17 -28.30
CA VAL A 162 19.61 29.16 -27.65
C VAL A 162 19.37 30.48 -26.94
N ARG A 163 20.23 30.79 -25.96
CA ARG A 163 20.12 32.04 -25.22
C ARG A 163 19.93 33.24 -26.15
N ALA A 164 20.55 33.18 -27.33
CA ALA A 164 20.46 34.25 -28.30
C ALA A 164 19.01 34.52 -28.69
N TYR A 165 18.21 33.46 -28.74
CA TYR A 165 16.78 33.62 -29.00
C TYR A 165 16.07 33.98 -27.71
N ALA A 166 16.65 33.57 -26.58
CA ALA A 166 16.04 33.77 -25.28
C ALA A 166 15.63 35.22 -25.06
N LYS A 167 16.60 36.04 -24.64
CA LYS A 167 16.31 37.44 -24.32
C LYS A 167 15.49 38.09 -25.42
N ALA A 168 15.75 37.69 -26.66
CA ALA A 168 14.99 38.20 -27.79
C ALA A 168 13.52 37.86 -27.64
N PHE A 169 13.25 36.61 -27.28
CA PHE A 169 11.87 36.13 -27.13
C PHE A 169 11.06 37.06 -26.23
N TRP A 170 11.53 37.31 -25.02
CA TRP A 170 10.81 38.16 -24.08
C TRP A 170 10.88 39.65 -24.45
N SER A 171 11.99 40.04 -25.07
CA SER A 171 12.13 41.41 -25.54
C SER A 171 10.99 41.75 -26.48
N ASN A 172 10.36 40.73 -27.07
CA ASN A 172 9.32 40.94 -28.07
C ASN A 172 8.17 39.94 -27.99
N ILE A 173 7.97 39.37 -26.80
CA ILE A 173 6.90 38.40 -26.61
C ILE A 173 5.56 38.99 -27.00
N GLU A 174 5.40 40.29 -26.78
CA GLU A 174 4.15 40.99 -27.06
C GLU A 174 3.98 41.20 -28.57
N ARG A 175 4.83 40.56 -29.36
CA ARG A 175 4.73 40.62 -30.81
C ARG A 175 4.95 39.25 -31.44
N ILE A 176 4.03 38.33 -31.17
CA ILE A 176 4.07 36.99 -31.72
C ILE A 176 2.65 36.48 -31.92
N GLU A 177 2.41 35.80 -33.05
CA GLU A 177 1.07 35.29 -33.35
C GLU A 177 0.55 34.37 -32.24
N ASP A 178 -0.54 34.80 -31.60
CA ASP A 178 -1.14 34.04 -30.50
C ASP A 178 -0.24 34.04 -29.27
N TYR A 179 0.56 35.08 -29.11
CA TYR A 179 1.43 35.17 -27.93
C TYR A 179 0.58 35.06 -26.67
N GLU A 180 -0.71 35.35 -26.81
CA GLU A 180 -1.67 35.18 -25.73
C GLU A 180 -1.73 33.72 -25.29
N LYS A 181 -1.97 32.84 -26.25
CA LYS A 181 -2.13 31.42 -25.97
C LYS A 181 -0.82 30.75 -25.60
N TYR A 182 0.25 31.13 -26.29
CA TYR A 182 1.56 30.51 -26.08
C TYR A 182 2.17 30.88 -24.73
N LEU A 183 1.68 31.94 -24.10
CA LEU A 183 2.20 32.35 -22.80
C LEU A 183 1.41 31.71 -21.67
N LYS A 184 0.09 31.70 -21.82
CA LYS A 184 -0.79 31.19 -20.79
C LYS A 184 -0.72 29.66 -20.71
N ILE A 185 0.27 29.08 -21.37
CA ILE A 185 0.55 27.66 -21.27
C ILE A 185 1.90 27.47 -20.60
N ILE A 186 2.78 28.45 -20.80
CA ILE A 186 4.08 28.45 -20.14
C ILE A 186 3.90 28.79 -18.66
N GLU A 187 3.10 29.81 -18.39
CA GLU A 187 2.79 30.21 -17.01
C GLU A 187 2.11 29.08 -16.25
N ASN A 188 1.23 28.35 -16.94
CA ASN A 188 0.52 27.24 -16.32
C ASN A 188 1.44 26.13 -15.85
N GLU A 189 2.45 25.82 -16.66
CA GLU A 189 3.40 24.78 -16.28
C GLU A 189 4.37 25.32 -15.21
N GLU A 190 4.35 26.64 -15.02
CA GLU A 190 5.10 27.25 -13.93
C GLU A 190 4.29 27.19 -12.65
N GLU A 191 3.02 27.56 -12.75
CA GLU A 191 2.11 27.53 -11.61
C GLU A 191 1.92 26.11 -11.10
N LYS A 192 2.32 25.14 -11.92
CA LYS A 192 2.26 23.74 -11.53
C LYS A 192 3.56 23.32 -10.85
N ILE A 193 4.62 24.06 -11.14
CA ILE A 193 5.94 23.76 -10.58
C ILE A 193 6.16 24.49 -9.26
N LYS A 194 5.75 25.76 -9.21
CA LYS A 194 5.88 26.54 -7.98
C LYS A 194 4.97 25.96 -6.90
N ARG A 195 3.80 25.50 -7.31
CA ARG A 195 2.83 24.91 -6.41
C ARG A 195 3.41 23.71 -5.67
N VAL A 196 4.24 22.94 -6.37
CA VAL A 196 4.90 21.79 -5.78
C VAL A 196 6.06 22.22 -4.90
N LYS A 197 6.94 23.03 -5.44
CA LYS A 197 8.11 23.50 -4.69
C LYS A 197 7.67 24.14 -3.39
N MET A 198 6.50 24.78 -3.41
CA MET A 198 5.93 25.39 -2.21
C MET A 198 5.47 24.31 -1.22
N GLN A 199 4.84 23.27 -1.75
CA GLN A 199 4.44 22.13 -0.94
C GLN A 199 5.66 21.53 -0.25
N GLN A 200 6.74 21.40 -1.00
CA GLN A 200 8.01 20.95 -0.44
C GLN A 200 8.25 21.61 0.91
N GLU A 201 8.28 22.94 0.90
CA GLU A 201 8.50 23.70 2.13
C GLU A 201 7.46 23.39 3.19
N ALA A 202 6.19 23.49 2.82
CA ALA A 202 5.10 23.24 3.75
C ALA A 202 5.29 21.93 4.49
N LEU A 203 5.81 20.92 3.79
CA LEU A 203 6.06 19.62 4.39
C LEU A 203 7.17 19.72 5.42
N ARG A 204 8.19 20.51 5.10
CA ARG A 204 9.30 20.73 6.03
C ARG A 204 8.80 21.35 7.32
N ARG A 205 8.18 22.52 7.20
CA ARG A 205 7.66 23.24 8.36
C ARG A 205 6.87 22.32 9.29
N LYS A 206 5.91 21.61 8.73
CA LYS A 206 5.05 20.74 9.53
C LYS A 206 5.86 19.67 10.25
N LEU A 207 6.90 19.17 9.60
CA LEU A 207 7.71 18.11 10.18
C LEU A 207 8.67 18.66 11.23
N SER A 208 9.28 19.80 10.94
CA SER A 208 10.19 20.45 11.87
C SER A 208 9.48 20.71 13.20
N GLU A 209 8.17 20.54 13.20
CA GLU A 209 7.34 20.87 14.34
C GLU A 209 7.18 19.71 15.33
N TYR A 210 6.95 18.51 14.81
CA TYR A 210 6.72 17.35 15.67
C TYR A 210 8.02 16.62 16.02
N LYS A 211 8.28 16.48 17.32
CA LYS A 211 9.49 15.83 17.81
C LYS A 211 9.49 14.34 17.47
N ASN A 212 8.37 13.69 17.71
CA ASN A 212 8.21 12.28 17.34
C ASN A 212 7.13 12.16 16.27
N PRO A 213 7.49 12.50 15.03
CA PRO A 213 6.55 12.61 13.92
C PRO A 213 5.75 11.33 13.69
N PHE A 214 6.44 10.20 13.60
CA PHE A 214 5.75 8.95 13.26
C PHE A 214 4.47 8.74 14.06
N PHE A 215 4.46 9.24 15.29
CA PHE A 215 3.26 9.17 16.12
C PHE A 215 2.48 10.46 16.03
N ASP A 216 3.07 11.53 16.57
CA ASP A 216 2.36 12.77 16.84
C ASP A 216 1.95 13.57 15.59
N LEU A 217 2.76 13.48 14.53
CA LEU A 217 2.51 14.26 13.32
C LEU A 217 1.12 14.06 12.72
N LYS A 218 0.33 15.13 12.68
CA LYS A 218 -0.95 15.08 11.98
C LYS A 218 -1.45 16.47 11.59
N LEU A 219 -2.23 16.52 10.51
CA LEU A 219 -2.72 17.80 9.98
C LEU A 219 -4.23 17.86 9.92
N LYS A 220 -4.88 17.61 11.05
CA LYS A 220 -6.34 17.65 11.14
C LYS A 220 -6.90 19.07 10.95
N HIS A 221 -6.81 19.58 9.73
CA HIS A 221 -7.40 20.87 9.38
C HIS A 221 -7.90 20.80 7.95
N PRO A 222 -7.05 20.26 7.04
CA PRO A 222 -7.48 19.96 5.68
C PRO A 222 -7.31 18.47 5.36
N PRO A 223 -7.81 17.59 6.23
CA PRO A 223 -7.63 16.15 6.00
C PRO A 223 -8.57 15.60 4.93
N SER A 224 -9.75 15.15 5.34
CA SER A 224 -10.71 14.55 4.42
C SER A 224 -12.12 14.67 4.96
N SER A 225 -13.09 14.79 4.06
CA SER A 225 -14.48 15.00 4.45
C SER A 225 -15.25 13.68 4.55
N ASN A 226 -16.11 13.46 3.55
CA ASN A 226 -16.87 12.23 3.44
C ASN A 226 -16.35 11.42 2.26
N ASN A 227 -15.17 10.85 2.44
CA ASN A 227 -14.57 9.99 1.44
C ASN A 227 -14.04 8.72 2.09
N LYS A 228 -14.08 7.61 1.36
CA LYS A 228 -13.55 6.36 1.91
C LYS A 228 -12.05 6.49 2.14
N ARG A 229 -11.67 6.63 3.41
CA ARG A 229 -10.29 6.85 3.79
C ARG A 229 -9.57 5.52 3.90
N THR A 230 -9.47 4.82 2.77
CA THR A 230 -8.82 3.52 2.71
C THR A 230 -7.51 3.52 3.47
N TYR A 231 -6.72 4.58 3.30
CA TYR A 231 -5.45 4.70 4.00
C TYR A 231 -5.68 5.09 5.45
N SER A 232 -4.95 4.43 6.36
CA SER A 232 -5.07 4.73 7.77
C SER A 232 -4.44 6.08 8.11
N GLU A 233 -4.99 6.74 9.12
CA GLU A 233 -4.44 8.00 9.61
C GLU A 233 -2.93 7.85 9.80
N GLU A 234 -2.51 6.64 10.15
CA GLU A 234 -1.11 6.31 10.31
C GLU A 234 -0.40 6.24 8.97
N GLU A 235 -0.80 5.28 8.14
CA GLU A 235 -0.22 5.13 6.82
C GLU A 235 0.05 6.48 6.18
N ASP A 236 -0.98 7.32 6.11
CA ASP A 236 -0.84 8.68 5.62
C ASP A 236 0.45 9.27 6.15
N ARG A 237 0.56 9.35 7.48
CA ARG A 237 1.75 9.88 8.12
C ARG A 237 2.99 9.31 7.47
N PHE A 238 3.06 7.98 7.39
CA PHE A 238 4.22 7.31 6.84
C PHE A 238 4.56 7.88 5.47
N ILE A 239 3.59 7.82 4.56
CA ILE A 239 3.81 8.21 3.17
C ILE A 239 4.39 9.62 3.07
N LEU A 240 4.07 10.47 4.05
CA LEU A 240 4.62 11.82 4.08
C LEU A 240 6.07 11.78 4.54
N LEU A 241 6.32 11.07 5.64
CA LEU A 241 7.65 10.99 6.23
C LEU A 241 8.66 10.50 5.21
N MET A 242 8.19 9.76 4.22
CA MET A 242 9.05 9.30 3.14
C MET A 242 9.11 10.35 2.04
N LEU A 243 8.01 11.03 1.80
CA LEU A 243 8.03 12.15 0.86
C LEU A 243 9.06 13.16 1.35
N PHE A 244 9.20 13.26 2.67
CA PHE A 244 10.19 14.14 3.26
C PHE A 244 11.57 13.53 3.18
N LYS A 245 11.60 12.20 3.03
CA LYS A 245 12.85 11.46 3.00
C LYS A 245 13.56 11.70 1.67
N TYR A 246 12.80 11.78 0.59
CA TYR A 246 13.38 11.94 -0.74
C TYR A 246 13.04 13.31 -1.34
N GLY A 247 12.12 14.01 -0.69
CA GLY A 247 11.75 15.35 -1.12
C GLY A 247 11.02 15.42 -2.44
N LEU A 248 9.98 16.26 -2.51
CA LEU A 248 9.27 16.50 -3.75
C LEU A 248 10.26 16.78 -4.86
N ASP A 249 10.11 16.07 -5.98
CA ASP A 249 11.12 16.13 -7.02
C ASP A 249 10.56 15.73 -8.37
N ARG A 250 9.23 15.67 -8.47
CA ARG A 250 8.54 15.30 -9.71
C ARG A 250 9.34 14.28 -10.53
N ASP A 251 9.93 13.30 -9.85
CA ASP A 251 10.80 12.35 -10.52
C ASP A 251 10.39 10.90 -10.27
N ASP A 252 11.12 10.24 -9.38
CA ASP A 252 10.86 8.84 -9.05
C ASP A 252 10.32 8.73 -7.64
N VAL A 253 10.17 9.87 -6.98
CA VAL A 253 9.85 9.92 -5.54
C VAL A 253 8.82 8.89 -5.10
N TYR A 254 7.67 8.87 -5.76
CA TYR A 254 6.60 7.95 -5.37
C TYR A 254 6.93 6.50 -5.70
N GLU A 255 7.71 6.29 -6.77
CA GLU A 255 8.24 4.97 -7.05
C GLU A 255 9.05 4.48 -5.86
N LEU A 256 9.86 5.38 -5.30
CA LEU A 256 10.72 5.05 -4.16
C LEU A 256 9.92 4.68 -2.93
N VAL A 257 9.09 5.61 -2.45
CA VAL A 257 8.32 5.38 -1.23
C VAL A 257 7.63 4.01 -1.26
N ARG A 258 7.16 3.62 -2.44
CA ARG A 258 6.52 2.31 -2.59
C ARG A 258 7.48 1.24 -2.10
N ASP A 259 8.73 1.35 -2.53
CA ASP A 259 9.78 0.44 -2.07
C ASP A 259 9.96 0.60 -0.56
N GLU A 260 10.05 1.86 -0.11
CA GLU A 260 10.22 2.15 1.30
C GLU A 260 9.11 1.46 2.12
N ILE A 261 7.93 1.38 1.54
CA ILE A 261 6.82 0.66 2.15
C ILE A 261 7.14 -0.82 2.11
N ARG A 262 7.47 -1.31 0.91
CA ARG A 262 7.76 -2.72 0.72
C ARG A 262 8.92 -3.16 1.61
N ASP A 263 9.69 -2.18 2.08
CA ASP A 263 10.85 -2.46 2.92
C ASP A 263 10.48 -2.55 4.39
N CYS A 264 10.09 -1.44 4.97
CA CYS A 264 9.69 -1.40 6.38
C CYS A 264 8.80 -2.58 6.74
N PRO A 265 9.33 -3.50 7.54
CA PRO A 265 8.67 -4.75 7.94
C PRO A 265 7.51 -4.51 8.89
N LEU A 266 7.32 -3.27 9.32
CA LEU A 266 6.19 -2.94 10.19
C LEU A 266 4.88 -3.12 9.46
N PHE A 267 4.93 -3.08 8.14
CA PHE A 267 3.73 -3.25 7.31
C PHE A 267 3.76 -4.54 6.52
N GLU A 268 4.40 -5.57 7.09
CA GLU A 268 4.40 -6.88 6.47
C GLU A 268 2.97 -7.29 6.16
N LEU A 269 2.06 -7.03 7.10
CA LEU A 269 0.71 -7.58 7.04
C LEU A 269 -0.35 -6.58 6.61
N ASP A 270 0.02 -5.29 6.60
CA ASP A 270 -0.87 -4.27 6.06
C ASP A 270 -0.94 -4.46 4.55
N PHE A 271 -1.51 -5.58 4.14
CA PHE A 271 -1.56 -5.94 2.73
C PHE A 271 -1.94 -4.75 1.85
N TYR A 272 -2.99 -4.04 2.24
CA TYR A 272 -3.46 -2.91 1.45
C TYR A 272 -2.35 -1.94 1.08
N PHE A 273 -1.46 -1.66 2.02
CA PHE A 273 -0.42 -0.68 1.82
C PHE A 273 0.50 -1.06 0.66
N ARG A 274 0.88 -2.32 0.58
CA ARG A 274 1.70 -2.81 -0.52
C ARG A 274 0.82 -3.26 -1.68
N SER A 275 -0.48 -3.03 -1.54
CA SER A 275 -1.44 -3.32 -2.59
C SER A 275 -1.72 -2.04 -3.35
N ARG A 276 -0.91 -1.02 -3.09
CA ARG A 276 -1.05 0.24 -3.77
C ARG A 276 0.18 0.49 -4.64
N THR A 277 -0.08 0.67 -5.94
CA THR A 277 0.97 0.91 -6.91
C THR A 277 1.56 2.30 -6.73
N PRO A 278 2.77 2.52 -7.27
CA PRO A 278 3.38 3.85 -7.18
C PRO A 278 2.45 4.90 -7.76
N VAL A 279 1.43 4.44 -8.49
CA VAL A 279 0.45 5.34 -9.08
C VAL A 279 -0.61 5.69 -8.05
N GLU A 280 -1.48 4.72 -7.74
CA GLU A 280 -2.51 4.89 -6.71
C GLU A 280 -1.87 5.53 -5.48
N LEU A 281 -0.77 4.94 -5.02
CA LEU A 281 0.01 5.48 -3.93
C LEU A 281 0.30 6.96 -4.17
N ALA A 282 0.86 7.27 -5.35
CA ALA A 282 1.19 8.66 -5.67
C ALA A 282 -0.03 9.56 -5.52
N ARG A 283 -1.16 9.11 -6.06
CA ARG A 283 -2.40 9.88 -5.99
C ARG A 283 -2.65 10.36 -4.57
N ARG A 284 -2.71 9.41 -3.64
CA ARG A 284 -2.93 9.73 -2.23
C ARG A 284 -2.02 10.87 -1.82
N GLY A 285 -0.79 10.85 -2.32
CA GLY A 285 0.15 11.92 -2.04
C GLY A 285 -0.38 13.25 -2.55
N ASN A 286 -0.63 13.34 -3.85
CA ASN A 286 -1.08 14.60 -4.43
C ASN A 286 -2.27 15.16 -3.66
N THR A 287 -3.01 14.28 -3.00
CA THR A 287 -4.07 14.70 -2.11
C THR A 287 -3.45 15.26 -0.84
N LEU A 288 -2.75 14.40 -0.11
CA LEU A 288 -2.09 14.77 1.14
C LEU A 288 -1.37 16.09 1.02
N LEU A 289 -0.44 16.18 0.07
CA LEU A 289 0.28 17.43 -0.18
C LEU A 289 -0.67 18.61 -0.09
N GLN A 290 -1.56 18.69 -1.08
CA GLN A 290 -2.52 19.80 -1.18
C GLN A 290 -3.17 20.10 0.16
N CYS A 291 -3.50 19.05 0.92
CA CYS A 291 -4.05 19.22 2.24
C CYS A 291 -3.15 20.13 3.07
N LEU A 292 -1.88 19.74 3.20
CA LEU A 292 -0.92 20.52 3.95
C LEU A 292 -0.71 21.90 3.32
N GLU A 293 -0.91 21.98 2.01
CA GLU A 293 -0.77 23.24 1.30
C GLU A 293 -1.73 24.29 1.84
N LYS A 294 -2.99 23.88 2.02
CA LYS A 294 -4.01 24.76 2.58
C LYS A 294 -3.83 24.92 4.08
N GLU A 295 -2.57 24.98 4.50
CA GLU A 295 -2.25 25.10 5.91
C GLU A 295 -1.06 26.02 6.14
N PHE A 296 -0.22 26.16 5.12
CA PHE A 296 0.95 27.02 5.22
C PHE A 296 1.01 28.12 4.17
N ASN A 297 0.02 28.14 3.27
CA ASN A 297 -0.06 29.20 2.27
C ASN A 297 -0.42 30.53 2.91
N ALA A 298 -0.71 30.49 4.20
CA ALA A 298 -1.01 31.69 4.97
C ALA A 298 0.23 32.14 5.75
N GLY A 299 1.29 31.36 5.67
CA GLY A 299 2.52 31.66 6.38
C GLY A 299 3.77 31.55 5.50
N ILE A 300 3.70 30.69 4.49
CA ILE A 300 4.82 30.49 3.57
C ILE A 300 4.78 31.52 2.45
N VAL A 301 3.65 32.21 2.33
CA VAL A 301 3.51 33.27 1.33
C VAL A 301 3.71 34.64 1.98
N LEU A 302 3.42 34.72 3.29
CA LEU A 302 3.62 35.95 4.05
C LEU A 302 5.06 36.07 4.53
N ASP A 303 5.67 34.92 4.87
CA ASP A 303 7.07 34.87 5.26
C ASP A 303 7.95 35.00 4.02
N ASP A 304 7.33 34.80 2.86
CA ASP A 304 8.02 34.93 1.59
C ASP A 304 7.92 36.38 1.10
N ALA A 305 6.88 37.06 1.55
CA ALA A 305 6.65 38.46 1.18
C ALA A 305 7.72 39.36 1.79
N THR A 306 8.18 39.00 2.99
CA THR A 306 9.20 39.77 3.68
C THR A 306 10.61 39.26 3.36
N LYS A 307 11.10 39.63 2.18
CA LYS A 307 12.46 39.30 1.77
C LYS A 307 13.24 40.58 1.46
N ASP A 308 14.34 40.79 2.18
CA ASP A 308 15.12 42.03 2.09
C ASP A 308 15.97 42.11 0.83
N ARG A 309 16.26 43.34 0.39
CA ARG A 309 17.10 43.58 -0.77
C ARG A 309 18.20 44.58 -0.44
N MET A 310 18.64 45.33 -1.43
CA MET A 310 19.72 46.31 -1.23
C MET A 310 19.18 47.65 -0.72
N LYS A 311 18.16 48.19 -1.38
CA LYS A 311 17.58 49.47 -1.00
C LYS A 311 16.07 49.37 -0.81
N LYS A 312 15.60 48.14 -0.63
CA LYS A 312 14.18 47.88 -0.38
C LYS A 312 13.98 47.01 0.85
N GLU A 313 13.76 47.64 1.99
CA GLU A 313 13.53 46.92 3.24
C GLU A 313 12.06 46.52 3.38
N ASP A 314 11.82 45.30 3.85
CA ASP A 314 10.46 44.81 4.01
C ASP A 314 10.01 44.79 5.47
N ALA B 9 -34.33 14.70 33.11
CA ALA B 9 -34.72 14.93 31.73
C ALA B 9 -36.24 14.97 31.59
N HIS B 10 -36.73 15.31 30.40
CA HIS B 10 -38.16 15.39 30.14
C HIS B 10 -38.82 14.05 30.43
N GLU B 11 -38.51 13.06 29.61
CA GLU B 11 -39.00 11.70 29.82
C GLU B 11 -37.82 10.76 30.05
N GLN B 12 -36.88 11.21 30.88
CA GLN B 12 -35.66 10.48 31.15
C GLN B 12 -34.97 10.09 29.83
N VAL B 13 -34.16 11.01 29.32
CA VAL B 13 -33.46 10.79 28.05
C VAL B 13 -32.70 9.47 28.05
N GLU B 14 -32.98 8.63 27.05
CA GLU B 14 -32.35 7.33 26.93
C GLU B 14 -30.84 7.38 27.18
N PRO B 15 -30.32 6.36 27.88
CA PRO B 15 -28.89 6.28 28.19
C PRO B 15 -28.04 6.35 26.92
N ALA B 16 -26.86 6.95 27.03
CA ALA B 16 -25.95 7.07 25.90
C ALA B 16 -25.58 5.71 25.32
N LEU B 17 -25.61 5.60 23.99
CA LEU B 17 -25.35 4.34 23.30
C LEU B 17 -24.26 4.49 22.24
N ILE B 18 -23.01 4.49 22.68
CA ILE B 18 -21.88 4.66 21.77
C ILE B 18 -21.50 3.34 21.10
N PRO B 19 -21.65 3.28 19.77
CA PRO B 19 -21.39 2.09 18.95
C PRO B 19 -19.92 1.69 18.96
N SER B 20 -19.04 2.63 18.65
CA SER B 20 -17.60 2.39 18.66
C SER B 20 -17.15 1.71 19.95
N ASN B 21 -17.61 2.23 21.08
CA ASN B 21 -17.29 1.67 22.39
C ASN B 21 -17.56 0.17 22.42
N TRP B 22 -18.67 -0.24 21.81
CA TRP B 22 -19.05 -1.65 21.75
C TRP B 22 -18.57 -2.30 20.46
N THR B 23 -17.29 -2.11 20.16
CA THR B 23 -16.66 -2.67 18.97
C THR B 23 -17.21 -4.05 18.65
N SER B 24 -17.59 -4.25 17.39
CA SER B 24 -18.05 -5.56 16.97
C SER B 24 -16.85 -6.49 16.89
N VAL B 25 -16.46 -7.01 18.05
CA VAL B 25 -15.32 -7.92 18.15
C VAL B 25 -14.16 -7.46 17.28
N ILE B 26 -14.01 -6.14 17.12
CA ILE B 26 -12.92 -5.59 16.33
C ILE B 26 -12.43 -4.24 16.86
N PRO B 27 -11.51 -4.29 17.85
CA PRO B 27 -10.82 -3.07 18.27
C PRO B 27 -9.82 -2.63 17.21
N LEU B 28 -8.54 -2.63 17.56
CA LEU B 28 -7.48 -2.15 16.68
C LEU B 28 -6.21 -1.93 17.49
N LEU B 29 -5.08 -1.80 16.81
CA LEU B 29 -3.78 -1.72 17.48
C LEU B 29 -3.14 -0.35 17.37
N THR B 30 -3.32 0.29 16.22
CA THR B 30 -2.71 1.59 15.92
C THR B 30 -1.20 1.58 16.19
N SER B 31 -0.67 0.42 16.57
CA SER B 31 0.74 0.27 16.85
C SER B 31 1.26 1.49 17.59
N ASP B 32 0.63 1.81 18.70
CA ASP B 32 1.03 2.95 19.52
C ASP B 32 0.78 2.63 20.98
N PHE B 33 0.11 1.50 21.21
CA PHE B 33 0.06 0.87 22.53
C PHE B 33 1.49 0.81 23.05
N LYS B 34 2.44 1.01 22.14
CA LYS B 34 3.85 1.08 22.48
C LYS B 34 4.49 2.43 22.11
N ASN B 35 4.24 3.44 22.93
CA ASN B 35 5.04 4.64 22.93
C ASN B 35 5.90 4.58 24.19
N GLN B 36 6.21 3.34 24.56
CA GLN B 36 7.12 3.02 25.66
C GLN B 36 7.91 1.78 25.24
N TYR B 37 9.23 1.94 25.12
CA TYR B 37 10.06 0.87 24.58
C TYR B 37 10.44 -0.18 25.60
N SER B 38 10.49 -1.44 25.16
CA SER B 38 10.82 -2.55 26.04
C SER B 38 11.28 -3.77 25.25
N VAL B 39 12.28 -3.56 24.40
CA VAL B 39 12.86 -4.63 23.61
C VAL B 39 13.47 -5.71 24.52
N ILE B 40 13.37 -5.49 25.83
CA ILE B 40 13.95 -6.38 26.83
C ILE B 40 13.69 -7.86 26.55
N SER B 41 14.69 -8.70 26.77
CA SER B 41 14.53 -10.14 26.60
C SER B 41 14.77 -10.90 27.90
N ARG B 42 13.71 -10.94 28.70
CA ARG B 42 13.72 -11.54 30.01
C ARG B 42 13.06 -12.90 29.87
N LEU B 43 12.44 -13.12 28.72
CA LEU B 43 11.71 -14.36 28.43
C LEU B 43 12.58 -15.45 27.81
N LYS B 44 13.88 -15.40 28.08
CA LYS B 44 14.80 -16.40 27.56
C LYS B 44 14.35 -17.79 27.97
N ASN B 45 14.43 -18.74 27.04
CA ASN B 45 14.18 -20.14 27.34
C ASN B 45 14.45 -21.04 26.14
N PRO B 46 14.87 -22.29 26.40
CA PRO B 46 15.16 -23.31 25.40
C PRO B 46 14.15 -23.32 24.25
N ASN B 47 12.86 -23.20 24.55
CA ASN B 47 11.86 -23.11 23.51
C ASN B 47 11.69 -21.68 22.98
N MET B 48 12.82 -21.02 22.70
CA MET B 48 12.81 -19.69 22.13
C MET B 48 13.86 -19.53 21.04
N LYS B 49 13.55 -20.06 19.87
CA LYS B 49 14.45 -19.98 18.72
C LYS B 49 14.14 -18.76 17.85
N PRO B 50 15.06 -17.80 17.81
CA PRO B 50 14.86 -16.58 17.02
C PRO B 50 14.95 -16.87 15.52
N VAL B 51 13.82 -16.84 14.83
CA VAL B 51 13.81 -17.16 13.40
C VAL B 51 13.46 -15.95 12.55
N PRO B 52 14.39 -15.54 11.68
CA PRO B 52 14.17 -14.40 10.79
C PRO B 52 13.07 -14.64 9.76
N TYR B 53 13.09 -15.78 9.09
CA TYR B 53 12.11 -16.04 8.05
C TYR B 53 10.71 -16.18 8.63
N ALA B 54 10.61 -16.15 9.95
CA ALA B 54 9.33 -16.29 10.63
C ALA B 54 8.31 -15.30 10.08
N GLY B 55 8.63 -14.02 10.18
CA GLY B 55 7.75 -12.99 9.66
C GLY B 55 7.27 -13.35 8.27
N ASP B 56 8.18 -13.28 7.30
CA ASP B 56 7.87 -13.54 5.91
C ASP B 56 6.85 -14.66 5.72
N ILE B 57 7.12 -15.83 6.31
CA ILE B 57 6.24 -16.98 6.14
C ILE B 57 4.80 -16.67 6.50
N ILE B 58 4.63 -16.08 7.69
CA ILE B 58 3.31 -15.65 8.13
C ILE B 58 2.61 -14.91 6.99
N LYS B 59 3.31 -13.92 6.44
CA LYS B 59 2.84 -13.21 5.27
C LYS B 59 2.23 -14.20 4.30
N LEU B 60 3.06 -15.10 3.78
CA LEU B 60 2.60 -16.12 2.83
C LEU B 60 1.24 -16.65 3.23
N MET B 61 1.20 -17.41 4.32
CA MET B 61 -0.04 -18.01 4.79
C MET B 61 -1.19 -17.00 4.82
N ALA B 62 -1.08 -15.99 5.68
CA ALA B 62 -2.10 -14.96 5.76
C ALA B 62 -2.59 -14.54 4.38
N PHE B 63 -1.67 -14.39 3.44
CA PHE B 63 -2.00 -13.99 2.07
C PHE B 63 -2.92 -15.01 1.42
N ILE B 64 -2.51 -16.28 1.48
CA ILE B 64 -3.34 -17.37 1.01
C ILE B 64 -4.69 -17.33 1.72
N ASN B 65 -4.63 -17.19 3.04
CA ASN B 65 -5.83 -17.17 3.86
C ASN B 65 -6.87 -16.20 3.33
N LYS B 66 -6.52 -14.91 3.35
CA LYS B 66 -7.43 -13.85 2.93
C LYS B 66 -7.78 -13.93 1.45
N PHE B 67 -7.35 -14.99 0.78
CA PHE B 67 -7.71 -15.22 -0.61
C PHE B 67 -8.00 -16.70 -0.83
N SER B 68 -8.65 -17.29 0.15
CA SER B 68 -8.98 -18.71 0.14
C SER B 68 -9.53 -19.18 -1.21
N SER B 69 -10.27 -18.31 -1.87
CA SER B 69 -10.94 -18.66 -3.13
C SER B 69 -9.96 -18.81 -4.28
N PHE B 70 -8.80 -18.17 -4.17
CA PHE B 70 -7.86 -18.14 -5.29
C PHE B 70 -6.74 -19.17 -5.15
N PHE B 71 -7.01 -20.27 -4.49
CA PHE B 71 -6.02 -21.34 -4.38
C PHE B 71 -6.66 -22.71 -4.33
N HIS B 72 -5.94 -23.72 -4.83
CA HIS B 72 -6.41 -25.08 -4.82
C HIS B 72 -6.67 -25.58 -3.39
N SER B 73 -7.27 -26.75 -3.28
CA SER B 73 -7.57 -27.33 -1.97
C SER B 73 -6.33 -27.45 -1.11
N ASP B 74 -5.39 -28.30 -1.53
CA ASP B 74 -4.20 -28.60 -0.76
C ASP B 74 -3.38 -27.35 -0.41
N LEU B 75 -3.56 -26.30 -1.20
CA LEU B 75 -2.86 -25.05 -0.96
C LEU B 75 -3.32 -24.37 0.33
N GLN B 76 -4.45 -24.82 0.86
CA GLN B 76 -5.03 -24.20 2.05
C GLN B 76 -4.83 -25.05 3.30
N ASN B 77 -4.03 -26.11 3.16
CA ASN B 77 -3.75 -27.00 4.27
C ASN B 77 -2.34 -26.81 4.81
N LEU B 78 -1.65 -25.81 4.26
CA LEU B 78 -0.28 -25.55 4.66
C LEU B 78 -0.21 -25.10 6.11
N SER B 79 0.85 -25.52 6.79
CA SER B 79 1.15 -25.02 8.13
C SER B 79 2.55 -24.41 8.12
N PHE B 80 2.81 -23.54 9.09
CA PHE B 80 4.13 -22.91 9.16
C PHE B 80 5.22 -23.96 8.98
N GLN B 81 4.99 -25.15 9.55
CA GLN B 81 5.92 -26.26 9.39
C GLN B 81 6.07 -26.64 7.92
N ASP B 82 4.96 -26.99 7.29
CA ASP B 82 4.97 -27.43 5.90
C ASP B 82 5.96 -26.62 5.08
N PHE B 83 5.94 -25.30 5.25
CA PHE B 83 6.91 -24.43 4.59
C PHE B 83 8.34 -24.83 4.94
N GLU B 84 8.64 -24.83 6.23
CA GLU B 84 9.97 -25.16 6.72
C GLU B 84 10.58 -26.36 6.00
N VAL B 85 10.02 -27.54 6.28
CA VAL B 85 10.49 -28.76 5.66
C VAL B 85 10.59 -28.61 4.14
N GLY B 86 9.60 -27.96 3.56
CA GLY B 86 9.55 -27.76 2.12
C GLY B 86 10.80 -27.14 1.55
N LEU B 87 11.34 -26.13 2.23
CA LEU B 87 12.43 -25.35 1.67
C LEU B 87 13.69 -25.33 2.53
N ASP B 88 14.05 -26.47 3.11
CA ASP B 88 15.23 -26.55 3.95
C ASP B 88 15.41 -25.29 4.81
N LEU B 89 14.36 -24.94 5.54
CA LEU B 89 14.37 -23.77 6.40
C LEU B 89 14.45 -24.18 7.86
N TYR B 90 15.58 -23.93 8.50
CA TYR B 90 15.77 -24.33 9.89
C TYR B 90 15.86 -23.11 10.82
N PRO B 91 14.97 -23.06 11.82
CA PRO B 91 14.89 -21.92 12.74
C PRO B 91 16.11 -21.88 13.64
N GLY B 92 16.27 -20.79 14.37
CA GLY B 92 17.36 -20.69 15.33
C GLY B 92 18.33 -19.55 15.03
N ASP B 93 19.13 -19.71 13.98
CA ASP B 93 20.16 -18.73 13.66
C ASP B 93 19.58 -17.41 13.18
N PRO B 94 19.84 -16.32 13.91
CA PRO B 94 19.32 -14.97 13.66
C PRO B 94 20.01 -14.33 12.47
N ASN B 95 20.46 -15.12 11.52
CA ASN B 95 21.13 -14.60 10.33
C ASN B 95 20.38 -15.02 9.07
N GLY B 96 19.35 -15.83 9.26
CA GLY B 96 18.54 -16.33 8.16
C GLY B 96 18.07 -17.75 8.43
N SER B 97 18.77 -18.72 7.85
CA SER B 97 18.49 -20.12 8.12
C SER B 97 19.44 -20.63 9.20
N ALA B 98 19.75 -21.91 9.17
CA ALA B 98 20.65 -22.52 10.14
C ALA B 98 20.70 -24.02 9.92
N ALA B 99 21.63 -24.47 9.08
CA ALA B 99 21.74 -25.88 8.78
C ALA B 99 21.77 -26.70 10.06
N GLY B 100 20.78 -27.57 10.22
CA GLY B 100 20.71 -28.45 11.38
C GLY B 100 19.76 -27.99 12.46
N ILE B 101 19.38 -28.91 13.33
CA ILE B 101 18.52 -28.61 14.46
C ILE B 101 18.84 -29.55 15.63
N VAL B 102 19.32 -28.98 16.73
CA VAL B 102 19.74 -29.76 17.89
C VAL B 102 18.63 -30.69 18.38
N LYS B 103 18.91 -31.99 18.42
CA LYS B 103 17.92 -32.95 18.89
C LYS B 103 18.24 -33.42 20.31
N GLY B 104 17.26 -33.28 21.20
CA GLY B 104 17.42 -33.70 22.58
C GLY B 104 18.05 -32.63 23.44
N PRO B 105 18.09 -32.86 24.76
CA PRO B 105 18.69 -31.91 25.70
C PRO B 105 20.16 -31.67 25.37
N GLU B 106 21.02 -32.57 25.84
CA GLU B 106 22.44 -32.49 25.55
C GLU B 106 22.76 -33.12 24.20
N ASP B 107 23.12 -32.30 23.23
CA ASP B 107 23.47 -32.76 21.89
C ASP B 107 23.98 -31.60 21.06
N THR B 108 25.26 -31.31 21.19
CA THR B 108 25.91 -30.26 20.40
C THR B 108 25.69 -30.48 18.92
N SER B 109 25.74 -31.75 18.51
CA SER B 109 25.47 -32.13 17.14
C SER B 109 24.01 -31.81 16.76
N LEU B 110 23.75 -31.72 15.46
CA LEU B 110 22.43 -31.35 14.98
C LEU B 110 21.90 -32.37 13.99
N LEU B 111 20.68 -32.17 13.51
CA LEU B 111 20.05 -33.07 12.55
C LEU B 111 19.38 -32.31 11.41
N LEU B 112 19.39 -32.90 10.22
CA LEU B 112 18.66 -32.32 9.10
C LEU B 112 17.33 -33.05 8.93
N TYR B 113 16.47 -32.53 8.04
CA TYR B 113 15.14 -33.10 7.86
C TYR B 113 15.17 -34.56 7.38
N PRO B 114 16.11 -34.91 6.49
CA PRO B 114 16.24 -36.32 6.13
C PRO B 114 16.56 -37.19 7.34
N ASP B 115 17.63 -36.85 8.06
CA ASP B 115 17.98 -37.56 9.29
C ASP B 115 16.76 -37.66 10.20
N PHE B 116 15.87 -36.68 10.08
CA PHE B 116 14.69 -36.56 10.93
C PHE B 116 13.54 -37.42 10.42
N MET B 117 12.52 -36.78 9.85
CA MET B 117 11.32 -37.47 9.39
C MET B 117 11.55 -38.40 8.19
N ALA B 118 10.47 -38.70 7.48
CA ALA B 118 10.51 -39.62 6.35
C ALA B 118 10.65 -38.89 5.03
N ILE B 119 11.33 -39.52 4.07
CA ILE B 119 11.65 -38.88 2.80
C ILE B 119 10.42 -38.63 1.92
N LYS B 120 9.51 -39.59 1.89
CA LYS B 120 8.25 -39.42 1.16
C LYS B 120 7.69 -38.05 1.50
N ASP B 121 7.35 -37.86 2.76
CA ASP B 121 6.78 -36.62 3.25
C ASP B 121 7.57 -35.39 2.80
N ILE B 122 8.87 -35.39 3.05
CA ILE B 122 9.70 -34.26 2.68
C ILE B 122 9.41 -33.83 1.24
N VAL B 123 9.24 -34.83 0.38
CA VAL B 123 8.91 -34.56 -1.02
C VAL B 123 7.60 -33.78 -1.09
N TYR B 124 6.57 -34.32 -0.46
CA TYR B 124 5.26 -33.68 -0.42
C TYR B 124 5.41 -32.21 -0.07
N CYS B 125 6.03 -31.94 1.08
CA CYS B 125 6.23 -30.56 1.54
C CYS B 125 6.83 -29.68 0.44
N GLN B 126 7.74 -30.24 -0.33
CA GLN B 126 8.30 -29.53 -1.48
C GLN B 126 7.20 -29.36 -2.51
N ASP B 127 6.73 -30.47 -3.05
CA ASP B 127 5.70 -30.47 -4.07
C ASP B 127 4.72 -29.34 -3.81
N LYS B 128 4.16 -29.30 -2.60
CA LYS B 128 3.19 -28.28 -2.25
C LYS B 128 3.74 -26.89 -2.51
N MET B 129 4.84 -26.55 -1.82
CA MET B 129 5.49 -25.26 -2.01
C MET B 129 5.54 -24.86 -3.48
N ASN B 130 6.09 -25.75 -4.29
CA ASN B 130 6.26 -25.46 -5.72
C ASN B 130 4.92 -25.25 -6.43
N LEU B 131 3.89 -25.96 -5.96
CA LEU B 131 2.54 -25.75 -6.48
C LEU B 131 2.18 -24.29 -6.29
N LEU B 132 2.35 -23.82 -5.06
CA LEU B 132 2.08 -22.46 -4.68
C LEU B 132 2.86 -21.48 -5.56
N PHE B 133 4.05 -21.90 -5.98
CA PHE B 133 4.91 -21.05 -6.81
C PHE B 133 4.26 -20.71 -8.15
N LEU B 134 4.07 -21.72 -8.99
CA LEU B 134 3.39 -21.54 -10.26
C LEU B 134 2.02 -20.92 -10.00
N SER B 135 1.40 -21.36 -8.91
CA SER B 135 0.11 -20.82 -8.52
C SER B 135 0.16 -19.30 -8.53
N LEU B 136 0.97 -18.74 -7.65
CA LEU B 136 1.15 -17.28 -7.59
C LEU B 136 1.44 -16.72 -8.97
N LEU B 137 2.36 -17.35 -9.68
CA LEU B 137 2.72 -16.90 -11.01
C LEU B 137 1.50 -16.79 -11.92
N ASP B 138 0.88 -17.93 -12.24
CA ASP B 138 -0.33 -17.92 -13.07
C ASP B 138 -1.33 -16.91 -12.52
N LEU B 139 -1.38 -16.77 -11.20
CA LEU B 139 -2.31 -15.85 -10.56
C LEU B 139 -1.99 -14.41 -10.91
N THR B 140 -0.69 -14.10 -10.99
CA THR B 140 -0.24 -12.74 -11.23
C THR B 140 -0.38 -12.31 -12.69
N PHE B 141 0.38 -12.96 -13.56
CA PHE B 141 0.42 -12.58 -14.98
C PHE B 141 -0.73 -13.18 -15.79
N THR B 142 -0.98 -14.47 -15.63
CA THR B 142 -2.08 -15.12 -16.32
C THR B 142 -3.41 -14.67 -15.72
N GLU B 143 -3.67 -13.38 -15.83
CA GLU B 143 -4.90 -12.80 -15.32
C GLU B 143 -5.95 -12.71 -16.41
N ASN B 144 -5.75 -13.48 -17.47
CA ASN B 144 -6.72 -13.55 -18.56
C ASN B 144 -8.05 -14.13 -18.08
N PHE B 145 -7.98 -14.86 -16.96
CA PHE B 145 -9.17 -15.43 -16.33
C PHE B 145 -9.65 -14.54 -15.19
N ASP B 146 -10.56 -13.62 -15.49
CA ASP B 146 -11.09 -12.69 -14.50
C ASP B 146 -12.08 -13.36 -13.56
N GLY B 147 -11.75 -14.57 -13.11
CA GLY B 147 -12.61 -15.32 -12.22
C GLY B 147 -13.62 -16.18 -12.97
N LYS B 148 -14.44 -15.55 -13.80
CA LYS B 148 -15.43 -16.27 -14.59
C LYS B 148 -15.00 -16.42 -16.06
N SER B 149 -14.08 -17.34 -16.31
CA SER B 149 -13.59 -17.59 -17.66
C SER B 149 -13.61 -19.08 -17.99
N ALA B 150 -12.42 -19.65 -18.17
CA ALA B 150 -12.30 -21.07 -18.48
C ALA B 150 -12.28 -21.90 -17.22
N LYS B 151 -12.07 -21.24 -16.08
CA LYS B 151 -12.01 -21.91 -14.78
C LYS B 151 -12.86 -21.18 -13.76
N LYS B 152 -14.17 -21.32 -13.88
CA LYS B 152 -15.12 -20.69 -12.97
C LYS B 152 -15.02 -21.25 -11.56
N LYS B 153 -15.64 -22.41 -11.34
CA LYS B 153 -15.57 -23.10 -10.06
C LYS B 153 -14.38 -24.04 -10.00
N GLY B 154 -13.20 -23.47 -9.74
CA GLY B 154 -11.97 -24.25 -9.66
C GLY B 154 -10.75 -23.38 -9.91
N PRO B 155 -9.98 -23.09 -8.85
CA PRO B 155 -8.79 -22.25 -8.92
C PRO B 155 -8.00 -22.48 -10.21
N LEU B 156 -7.40 -21.42 -10.72
CA LEU B 156 -6.76 -21.47 -12.03
C LEU B 156 -5.63 -22.48 -12.10
N THR B 157 -4.75 -22.47 -11.09
CA THR B 157 -3.61 -23.38 -11.07
C THR B 157 -3.94 -24.67 -10.32
N THR B 158 -3.81 -25.80 -11.01
CA THR B 158 -4.12 -27.08 -10.41
C THR B 158 -2.91 -28.02 -10.48
N TRP B 159 -2.96 -29.10 -9.70
CA TRP B 159 -1.86 -30.04 -9.61
C TRP B 159 -1.38 -30.53 -10.97
N GLU B 160 -2.33 -30.90 -11.83
CA GLU B 160 -1.98 -31.44 -13.15
C GLU B 160 -1.05 -30.50 -13.94
N ASN B 161 -1.07 -29.22 -13.60
CA ASN B 161 -0.17 -28.26 -14.22
C ASN B 161 1.29 -28.52 -13.82
N LEU B 162 1.49 -28.92 -12.58
CA LEU B 162 2.84 -29.10 -12.04
C LEU B 162 3.43 -30.45 -12.43
N LYS B 163 2.56 -31.37 -12.86
CA LYS B 163 3.03 -32.67 -13.36
C LYS B 163 2.75 -32.85 -14.85
N SER B 164 3.13 -31.83 -15.63
CA SER B 164 3.17 -31.97 -17.08
C SER B 164 4.63 -32.17 -17.46
N SER B 165 4.89 -33.10 -18.36
CA SER B 165 6.25 -33.40 -18.76
C SER B 165 6.83 -32.27 -19.63
N SER B 166 5.98 -31.30 -19.98
CA SER B 166 6.39 -30.15 -20.77
C SER B 166 7.69 -29.57 -20.27
N LYS B 167 8.64 -29.37 -21.17
CA LYS B 167 9.94 -28.83 -20.81
C LYS B 167 9.81 -27.59 -19.95
N LYS B 168 9.13 -26.57 -20.50
CA LYS B 168 9.07 -25.25 -19.89
C LYS B 168 7.81 -25.05 -19.06
N VAL B 169 7.69 -25.82 -17.97
CA VAL B 169 6.53 -25.70 -17.09
C VAL B 169 6.53 -24.37 -16.34
N PHE B 170 7.73 -23.88 -16.03
CA PHE B 170 7.86 -22.62 -15.31
C PHE B 170 8.43 -21.53 -16.20
N SER B 171 9.20 -21.94 -17.21
CA SER B 171 9.89 -20.99 -18.06
C SER B 171 8.93 -19.94 -18.61
N ASN B 172 7.87 -20.38 -19.28
CA ASN B 172 6.92 -19.46 -19.89
C ASN B 172 6.42 -18.37 -18.94
N PRO B 173 5.86 -18.78 -17.79
CA PRO B 173 5.45 -17.76 -16.82
C PRO B 173 6.65 -16.93 -16.37
N LEU B 174 7.66 -17.61 -15.84
CA LEU B 174 8.88 -16.96 -15.36
C LEU B 174 9.33 -15.86 -16.32
N TYR B 175 9.42 -16.20 -17.60
CA TYR B 175 9.84 -15.24 -18.61
C TYR B 175 9.02 -13.96 -18.50
N ARG B 176 7.70 -14.11 -18.43
CA ARG B 176 6.81 -12.95 -18.39
C ARG B 176 7.11 -12.05 -17.19
N LEU B 177 7.74 -12.61 -16.16
CA LEU B 177 8.07 -11.84 -14.96
C LEU B 177 9.25 -10.92 -15.21
N ARG B 178 10.39 -11.51 -15.58
CA ARG B 178 11.61 -10.74 -15.80
C ARG B 178 11.35 -9.57 -16.74
N LEU B 179 10.41 -9.75 -17.65
CA LEU B 179 10.03 -8.69 -18.58
C LEU B 179 9.66 -7.42 -17.83
N VAL B 180 9.01 -7.59 -16.68
CA VAL B 180 8.54 -6.45 -15.90
C VAL B 180 9.28 -6.36 -14.56
N ALA B 181 10.45 -7.01 -14.51
CA ALA B 181 11.23 -7.04 -13.28
C ALA B 181 11.48 -5.65 -12.70
N ARG B 182 12.37 -4.89 -13.32
CA ARG B 182 12.72 -3.57 -12.82
C ARG B 182 11.49 -2.73 -12.51
N GLU B 183 10.58 -2.64 -13.48
CA GLU B 183 9.37 -1.85 -13.31
C GLU B 183 8.68 -2.15 -11.98
N TRP B 184 8.35 -3.44 -11.77
CA TRP B 184 7.64 -3.90 -10.58
C TRP B 184 8.33 -3.52 -9.26
N GLY B 185 9.65 -3.36 -9.31
CA GLY B 185 10.42 -3.07 -8.11
C GLY B 185 10.97 -4.33 -7.46
N TYR B 186 12.29 -4.44 -7.41
CA TYR B 186 12.96 -5.61 -6.83
C TYR B 186 12.92 -5.63 -5.32
N PRO B 187 13.12 -6.81 -4.72
CA PRO B 187 13.13 -6.99 -3.26
C PRO B 187 14.38 -6.38 -2.64
N ARG B 188 14.26 -5.94 -1.39
CA ARG B 188 15.38 -5.32 -0.67
C ARG B 188 16.66 -6.14 -0.75
N GLU B 189 16.53 -7.46 -0.65
CA GLU B 189 17.68 -8.35 -0.68
C GLU B 189 18.39 -8.30 -2.03
N TRP B 190 17.62 -8.39 -3.11
CA TRP B 190 18.19 -8.51 -4.44
C TRP B 190 18.51 -7.16 -5.08
N ARG B 191 19.11 -6.26 -4.31
CA ARG B 191 19.57 -4.98 -4.85
C ARG B 191 21.07 -4.86 -4.66
N GLN B 192 21.78 -4.41 -5.69
CA GLN B 192 23.22 -4.25 -5.59
C GLN B 192 23.54 -3.07 -4.69
N GLN B 193 23.81 -3.35 -3.42
CA GLN B 193 24.16 -2.32 -2.46
C GLN B 193 25.03 -1.28 -3.13
N LEU B 194 24.63 -0.02 -3.03
CA LEU B 194 25.33 1.06 -3.72
C LEU B 194 26.83 0.80 -3.79
N PRO B 195 27.34 0.52 -5.01
CA PRO B 195 28.75 0.16 -5.25
C PRO B 195 29.70 1.10 -4.52
N SER B 196 29.18 2.24 -4.09
CA SER B 196 29.94 3.17 -3.28
C SER B 196 29.34 3.24 -1.89
N ASP B 197 30.20 3.31 -0.88
CA ASP B 197 29.74 3.56 0.47
C ASP B 197 29.91 5.05 0.76
N GLN B 198 29.11 5.86 0.06
CA GLN B 198 29.15 7.30 0.18
C GLN B 198 27.81 7.87 -0.24
N ASP B 199 27.17 7.22 -1.20
CA ASP B 199 25.89 7.66 -1.73
C ASP B 199 24.73 7.26 -0.81
N ILE B 200 23.62 7.97 -0.94
CA ILE B 200 22.38 7.58 -0.29
C ILE B 200 21.25 7.61 -1.32
N SER B 201 20.18 8.31 -0.98
CA SER B 201 19.10 8.51 -1.93
C SER B 201 18.47 9.88 -1.76
N LYS B 202 18.37 10.33 -0.52
CA LYS B 202 17.99 11.71 -0.26
C LYS B 202 18.94 12.68 -0.96
N PRO B 203 20.23 12.32 -1.05
CA PRO B 203 21.16 13.06 -1.89
C PRO B 203 21.43 12.35 -3.21
N LYS B 204 21.69 13.13 -4.26
CA LYS B 204 22.02 12.60 -5.57
C LYS B 204 23.49 12.86 -5.83
N THR B 205 24.04 12.24 -6.87
CA THR B 205 25.46 12.36 -7.16
C THR B 205 25.74 13.16 -8.44
N ALA B 206 25.09 12.79 -9.54
CA ALA B 206 25.37 13.42 -10.82
C ALA B 206 25.00 14.90 -10.85
N LEU B 207 26.01 15.73 -10.64
CA LEU B 207 25.89 17.18 -10.80
C LEU B 207 25.92 17.52 -12.29
N PHE B 208 24.75 17.68 -12.89
CA PHE B 208 24.63 17.91 -14.33
C PHE B 208 25.40 19.15 -14.78
N GLU B 209 24.70 20.28 -14.87
CA GLU B 209 25.38 21.54 -15.22
C GLU B 209 26.39 21.90 -14.15
N GLN B 210 27.63 22.11 -14.56
CA GLN B 210 28.70 22.44 -13.62
C GLN B 210 28.26 23.59 -12.72
N ASP B 211 27.86 24.69 -13.34
CA ASP B 211 27.40 25.86 -12.59
C ASP B 211 25.91 26.13 -12.82
N GLU B 212 25.38 27.13 -12.10
CA GLU B 212 23.99 27.52 -12.24
C GLU B 212 23.93 28.77 -13.12
N GLN B 213 22.77 29.42 -13.14
CA GLN B 213 22.58 30.60 -13.98
C GLN B 213 22.46 31.85 -13.11
N THR B 214 22.84 33.00 -13.65
CA THR B 214 22.79 34.25 -12.88
C THR B 214 22.05 35.41 -13.58
N PRO B 215 22.63 35.99 -14.65
CA PRO B 215 21.79 36.94 -15.40
C PRO B 215 20.89 36.19 -16.40
N VAL B 216 19.62 36.02 -16.05
CA VAL B 216 18.71 35.21 -16.85
C VAL B 216 18.02 36.00 -17.94
N VAL B 217 17.38 35.28 -18.86
CA VAL B 217 16.75 35.88 -20.03
C VAL B 217 15.73 36.97 -19.68
N ASP B 218 14.84 36.66 -18.73
CA ASP B 218 13.82 37.63 -18.34
C ASP B 218 14.23 38.34 -17.06
N PRO B 219 14.54 39.64 -17.18
CA PRO B 219 14.89 40.46 -16.02
C PRO B 219 13.70 40.61 -15.08
N SER B 220 12.55 41.01 -15.62
CA SER B 220 11.38 41.34 -14.81
C SER B 220 10.81 40.16 -14.02
N HIS B 221 11.16 38.94 -14.42
CA HIS B 221 10.64 37.76 -13.73
C HIS B 221 11.75 36.75 -13.43
N PRO B 222 12.68 37.14 -12.55
CA PRO B 222 13.90 36.37 -12.23
C PRO B 222 13.63 34.92 -11.86
N GLU B 223 12.36 34.53 -11.85
CA GLU B 223 11.97 33.16 -11.50
C GLU B 223 12.92 32.13 -12.11
N ILE B 224 13.88 31.70 -11.30
CA ILE B 224 14.88 30.73 -11.74
C ILE B 224 14.50 29.34 -11.27
N LEU B 225 13.32 28.88 -11.68
CA LEU B 225 12.73 27.62 -11.23
C LEU B 225 13.75 26.50 -11.06
N THR B 226 14.36 26.08 -12.17
CA THR B 226 15.31 24.98 -12.15
C THR B 226 16.74 25.47 -12.22
N PRO B 227 17.38 25.64 -11.06
CA PRO B 227 18.75 26.17 -10.98
C PRO B 227 19.74 25.14 -11.51
N ASN B 228 19.35 23.87 -11.45
CA ASN B 228 20.22 22.77 -11.83
C ASN B 228 19.44 21.46 -11.75
N ILE B 229 19.74 20.55 -12.67
CA ILE B 229 19.09 19.23 -12.63
C ILE B 229 20.07 18.18 -12.12
N TYR B 230 19.56 17.22 -11.36
CA TYR B 230 20.38 16.15 -10.83
C TYR B 230 19.88 14.80 -11.31
N THR B 231 20.61 13.74 -10.97
CA THR B 231 20.19 12.37 -11.29
C THR B 231 20.14 11.55 -10.01
N TRP B 232 19.27 10.55 -9.99
CA TRP B 232 19.07 9.74 -8.79
C TRP B 232 19.57 8.31 -8.96
N ASN B 233 20.45 7.87 -8.05
CA ASN B 233 20.88 6.48 -8.02
C ASN B 233 19.81 5.63 -7.37
N ALA B 234 18.84 5.20 -8.16
CA ALA B 234 17.68 4.48 -7.63
C ALA B 234 17.97 3.00 -7.38
N ASN B 235 17.12 2.35 -6.59
CA ASN B 235 17.27 0.94 -6.26
C ASN B 235 17.35 0.06 -7.49
N GLU B 236 18.55 -0.34 -7.86
CA GLU B 236 18.76 -1.24 -8.99
C GLU B 236 19.01 -2.66 -8.48
N PRO B 237 18.69 -3.66 -9.31
CA PRO B 237 18.81 -5.07 -8.92
C PRO B 237 20.26 -5.51 -8.85
N LEU B 238 20.52 -6.75 -9.24
CA LEU B 238 21.88 -7.26 -9.36
C LEU B 238 22.17 -7.53 -10.82
N PRO B 239 23.46 -7.66 -11.17
CA PRO B 239 23.83 -8.05 -12.53
C PRO B 239 23.19 -9.41 -12.83
N LEU B 240 22.79 -9.62 -14.08
CA LEU B 240 22.16 -10.88 -14.45
C LEU B 240 23.07 -12.06 -14.13
N GLU B 241 24.32 -11.75 -13.81
CA GLU B 241 25.33 -12.76 -13.47
C GLU B 241 25.22 -13.16 -12.00
N SER B 242 24.32 -12.50 -11.27
CA SER B 242 24.15 -12.76 -9.86
C SER B 242 22.79 -12.29 -9.39
N ASN B 243 21.84 -12.27 -10.31
CA ASN B 243 20.46 -11.92 -9.98
C ASN B 243 19.60 -13.16 -9.99
N PRO B 244 19.39 -13.76 -8.80
CA PRO B 244 18.63 -15.00 -8.65
C PRO B 244 17.36 -15.03 -9.51
N LEU B 245 16.77 -13.87 -9.75
CA LEU B 245 15.57 -13.78 -10.57
C LEU B 245 15.80 -14.39 -11.96
N TYR B 246 17.05 -14.38 -12.41
CA TYR B 246 17.39 -14.90 -13.73
C TYR B 246 18.08 -16.26 -13.65
N ASN B 247 17.95 -16.91 -12.49
CA ASN B 247 18.49 -18.25 -12.34
C ASN B 247 17.91 -19.23 -13.37
N ARG B 248 18.78 -19.77 -14.21
CA ARG B 248 18.34 -20.66 -15.28
C ARG B 248 17.78 -21.97 -14.75
N GLU B 249 18.14 -22.33 -13.52
CA GLU B 249 17.69 -23.58 -12.92
C GLU B 249 16.17 -23.65 -12.82
N MET B 250 15.58 -22.56 -12.34
CA MET B 250 14.13 -22.47 -12.17
C MET B 250 13.38 -22.84 -13.44
N ASP B 251 13.77 -22.20 -14.54
CA ASP B 251 13.11 -22.36 -15.84
C ASP B 251 12.36 -23.68 -15.94
N LYS B 252 13.10 -24.78 -16.04
CA LYS B 252 12.50 -26.09 -16.22
C LYS B 252 12.54 -26.92 -14.95
N ASN B 253 12.92 -26.30 -13.84
CA ASN B 253 13.04 -27.03 -12.58
C ASN B 253 12.49 -26.30 -11.34
N GLY B 254 11.21 -25.96 -11.39
CA GLY B 254 10.50 -25.45 -10.25
C GLY B 254 11.21 -24.37 -9.45
N ILE B 255 10.85 -24.27 -8.16
CA ILE B 255 11.32 -23.17 -7.33
C ILE B 255 12.46 -23.62 -6.42
N LEU B 256 12.60 -24.93 -6.28
CA LEU B 256 13.66 -25.48 -5.45
C LEU B 256 15.04 -24.95 -5.86
N ALA B 257 15.11 -24.36 -7.07
CA ALA B 257 16.36 -23.92 -7.66
C ALA B 257 17.17 -22.95 -6.79
N LEU B 258 16.48 -22.00 -6.15
CA LEU B 258 17.16 -20.97 -5.37
C LEU B 258 17.67 -21.51 -4.04
N LYS B 259 18.71 -20.88 -3.50
CA LYS B 259 19.23 -21.24 -2.18
C LYS B 259 18.08 -21.28 -1.18
N PRO B 260 18.18 -22.17 -0.19
CA PRO B 260 17.10 -22.41 0.77
C PRO B 260 16.40 -21.11 1.13
N MET B 261 17.18 -20.12 1.56
CA MET B 261 16.63 -18.83 1.96
C MET B 261 16.07 -18.07 0.77
N ASP B 262 16.87 -17.94 -0.28
CA ASP B 262 16.46 -17.19 -1.46
C ASP B 262 15.08 -17.65 -1.95
N ARG B 263 14.79 -18.94 -1.78
CA ARG B 263 13.48 -19.46 -2.13
C ARG B 263 12.40 -18.62 -1.45
N VAL B 264 12.57 -18.40 -0.15
CA VAL B 264 11.64 -17.58 0.62
C VAL B 264 11.60 -16.18 0.02
N VAL B 265 12.76 -15.53 -0.03
CA VAL B 265 12.87 -14.18 -0.55
C VAL B 265 11.99 -13.95 -1.78
N LEU B 266 12.10 -14.84 -2.76
CA LEU B 266 11.30 -14.73 -3.98
C LEU B 266 9.82 -14.88 -3.68
N LEU B 267 9.48 -15.90 -2.91
CA LEU B 267 8.10 -16.12 -2.52
C LEU B 267 7.47 -14.83 -2.00
N ARG B 268 8.09 -14.24 -0.98
CA ARG B 268 7.57 -13.02 -0.37
C ARG B 268 7.32 -11.95 -1.42
N ALA B 269 8.39 -11.49 -2.06
CA ALA B 269 8.27 -10.45 -3.06
C ALA B 269 7.24 -10.82 -4.12
N LEU B 270 6.99 -12.12 -4.26
CA LEU B 270 6.03 -12.59 -5.25
C LEU B 270 4.61 -12.29 -4.79
N THR B 271 4.37 -12.43 -3.49
CA THR B 271 3.05 -12.12 -2.94
C THR B 271 2.75 -10.64 -3.12
N ASP B 272 3.66 -9.79 -2.64
CA ASP B 272 3.50 -8.35 -2.75
C ASP B 272 3.28 -7.95 -4.21
N TRP B 273 4.01 -8.58 -5.11
CA TRP B 273 3.88 -8.32 -6.53
C TRP B 273 2.48 -8.66 -7.02
N CYS B 274 2.00 -9.83 -6.60
CA CYS B 274 0.69 -10.28 -7.02
C CYS B 274 -0.36 -9.21 -6.74
N ALA B 275 -0.59 -8.93 -5.47
CA ALA B 275 -1.64 -7.99 -5.07
C ALA B 275 -1.28 -6.54 -5.36
N SER B 276 -0.79 -6.29 -6.57
CA SER B 276 -0.44 -4.93 -6.96
C SER B 276 -0.40 -4.84 -8.48
N HIS B 277 -0.67 -5.96 -9.14
CA HIS B 277 -0.77 -6.00 -10.59
C HIS B 277 -1.80 -7.03 -11.05
N SER B 278 -2.05 -8.03 -10.22
CA SER B 278 -3.01 -9.09 -10.52
C SER B 278 -4.37 -8.53 -10.91
N SER B 279 -4.74 -8.69 -12.17
CA SER B 279 -6.04 -8.25 -12.63
C SER B 279 -7.12 -8.95 -11.81
N ALA B 280 -6.67 -9.82 -10.93
CA ALA B 280 -7.55 -10.53 -10.00
C ALA B 280 -7.52 -9.87 -8.64
N ILE B 281 -6.74 -10.45 -7.72
CA ILE B 281 -6.78 -10.08 -6.32
C ILE B 281 -6.65 -8.58 -6.04
N HIS B 282 -5.75 -7.91 -6.75
CA HIS B 282 -5.59 -6.46 -6.57
C HIS B 282 -6.91 -5.76 -6.84
N ASP B 283 -7.60 -6.22 -7.87
CA ASP B 283 -8.89 -5.66 -8.25
C ASP B 283 -9.94 -6.03 -7.21
N GLU B 284 -9.62 -7.02 -6.39
CA GLU B 284 -10.54 -7.54 -5.39
C GLU B 284 -10.33 -6.86 -4.04
N ILE B 285 -9.08 -6.52 -3.75
CA ILE B 285 -8.78 -5.80 -2.51
C ILE B 285 -9.49 -4.46 -2.53
N TYR B 286 -9.69 -3.92 -3.72
CA TYR B 286 -10.49 -2.72 -3.89
C TYR B 286 -11.88 -2.98 -3.34
N LYS B 287 -12.60 -3.88 -4.00
CA LYS B 287 -13.97 -4.21 -3.62
C LYS B 287 -14.09 -4.54 -2.14
N LEU B 288 -12.97 -4.96 -1.55
CA LEU B 288 -12.92 -5.21 -0.12
C LEU B 288 -12.87 -3.88 0.62
N THR B 289 -11.84 -3.08 0.32
CA THR B 289 -11.65 -1.80 0.99
C THR B 289 -12.76 -0.81 0.66
N HIS B 290 -12.93 -0.54 -0.64
CA HIS B 290 -13.93 0.41 -1.11
C HIS B 290 -15.37 -0.10 -0.93
N GLY B 291 -15.60 -0.86 0.14
CA GLY B 291 -16.93 -1.34 0.46
C GLY B 291 -17.88 -0.17 0.71
N LYS B 292 -19.18 -0.43 0.67
CA LYS B 292 -20.16 0.63 0.80
C LYS B 292 -20.56 0.87 2.26
N LYS B 293 -19.57 0.99 3.14
CA LYS B 293 -19.80 1.26 4.55
C LYS B 293 -18.52 1.05 5.35
N ASP B 294 -18.05 2.09 6.02
CA ASP B 294 -16.82 1.99 6.82
C ASP B 294 -17.09 1.65 8.28
N PRO B 295 -16.15 0.89 8.89
CA PRO B 295 -16.22 0.41 10.28
C PRO B 295 -16.51 1.52 11.28
N VAL B 296 -17.51 1.30 12.13
CA VAL B 296 -17.89 2.29 13.13
C VAL B 296 -16.70 2.79 13.94
N PHE B 297 -15.80 1.87 14.29
CA PHE B 297 -14.66 2.24 15.13
C PHE B 297 -13.61 2.97 14.32
N GLY B 298 -13.73 2.92 13.00
CA GLY B 298 -12.85 3.67 12.13
C GLY B 298 -11.93 2.81 11.29
N ILE B 299 -11.07 3.46 10.52
CA ILE B 299 -10.11 2.78 9.67
C ILE B 299 -8.71 2.82 10.28
N GLN B 300 -8.04 1.66 10.30
CA GLN B 300 -6.72 1.61 10.92
C GLN B 300 -5.73 0.72 10.18
N THR B 301 -4.49 0.73 10.65
CA THR B 301 -3.43 -0.07 10.07
C THR B 301 -3.71 -1.56 10.23
N GLN B 302 -4.04 -1.98 11.45
CA GLN B 302 -4.43 -3.36 11.71
C GLN B 302 -5.56 -3.48 12.74
N GLN B 303 -6.57 -4.27 12.40
CA GLN B 303 -7.70 -4.53 13.29
C GLN B 303 -7.58 -5.94 13.83
N VAL B 304 -8.06 -6.15 15.05
CA VAL B 304 -8.11 -7.50 15.62
C VAL B 304 -9.42 -7.70 16.36
N PRO B 305 -9.71 -8.95 16.76
CA PRO B 305 -10.92 -9.27 17.53
C PRO B 305 -10.88 -8.86 19.00
N ARG B 306 -12.05 -8.59 19.57
CA ARG B 306 -12.18 -8.11 20.94
C ARG B 306 -11.55 -9.05 21.97
N TYR B 307 -12.04 -10.28 22.02
CA TYR B 307 -11.59 -11.25 23.01
C TYR B 307 -10.11 -11.55 22.88
N THR B 308 -9.51 -11.07 21.81
CA THR B 308 -8.08 -11.25 21.59
C THR B 308 -7.30 -10.38 22.55
N ILE B 309 -7.90 -9.27 22.95
CA ILE B 309 -7.19 -8.28 23.74
C ILE B 309 -7.86 -8.00 25.09
N GLU B 310 -9.12 -8.39 25.22
CA GLU B 310 -9.85 -8.14 26.47
C GLU B 310 -10.01 -9.39 27.35
N GLY B 311 -9.52 -10.51 26.86
CA GLY B 311 -9.63 -11.75 27.61
C GLY B 311 -11.02 -12.34 27.51
N VAL B 312 -11.10 -13.67 27.57
CA VAL B 312 -12.37 -14.37 27.41
C VAL B 312 -13.44 -13.80 28.33
N ASP B 313 -13.06 -13.44 29.54
CA ASP B 313 -13.99 -12.91 30.51
C ASP B 313 -14.67 -11.64 30.02
N ASN B 314 -13.93 -10.54 30.11
CA ASN B 314 -14.46 -9.21 29.81
C ASN B 314 -15.19 -9.14 28.47
N THR B 315 -14.73 -9.93 27.50
CA THR B 315 -15.37 -9.93 26.20
C THR B 315 -16.83 -10.33 26.35
N ILE B 316 -17.13 -11.07 27.42
CA ILE B 316 -18.50 -11.41 27.75
C ILE B 316 -19.04 -10.43 28.79
N ASN B 317 -18.18 -10.06 29.73
CA ASN B 317 -18.56 -9.10 30.76
C ASN B 317 -19.10 -7.83 30.11
N GLN B 318 -18.32 -7.27 29.19
CA GLN B 318 -18.76 -6.10 28.45
C GLN B 318 -20.13 -6.36 27.82
N PHE B 319 -20.35 -7.60 27.40
CA PHE B 319 -21.61 -7.97 26.77
C PHE B 319 -22.77 -7.85 27.74
N LYS B 320 -22.59 -8.39 28.94
CA LYS B 320 -23.62 -8.27 29.97
C LYS B 320 -23.91 -6.80 30.22
N LYS B 321 -22.86 -6.02 30.45
CA LYS B 321 -22.99 -4.59 30.67
C LYS B 321 -23.83 -3.95 29.57
N LEU B 322 -23.68 -4.46 28.35
CA LEU B 322 -24.37 -3.90 27.18
C LEU B 322 -25.75 -4.50 27.01
N CYS B 323 -25.83 -5.82 27.02
CA CYS B 323 -27.09 -6.52 26.84
C CYS B 323 -28.12 -6.02 27.83
N SER B 324 -27.65 -5.31 28.86
CA SER B 324 -28.53 -4.76 29.88
C SER B 324 -28.83 -3.29 29.62
N LEU B 325 -27.83 -2.58 29.11
CA LEU B 325 -28.02 -1.18 28.74
C LEU B 325 -29.12 -1.07 27.69
N ILE B 326 -28.99 -1.86 26.63
CA ILE B 326 -29.94 -1.87 25.53
C ILE B 326 -31.35 -2.16 26.04
N GLN B 327 -31.44 -2.95 27.10
CA GLN B 327 -32.74 -3.26 27.70
C GLN B 327 -33.43 -2.00 28.18
N SER B 328 -32.67 -1.14 28.85
CA SER B 328 -33.20 0.12 29.36
C SER B 328 -33.49 1.07 28.21
N ARG B 329 -32.52 1.23 27.32
CA ARG B 329 -32.65 2.14 26.19
C ARG B 329 -33.83 1.76 25.30
N TYR B 330 -34.29 0.53 25.43
CA TYR B 330 -35.47 0.07 24.72
C TYR B 330 -36.75 0.36 25.50
N GLU B 331 -36.72 0.12 26.81
CA GLU B 331 -37.92 0.25 27.62
C GLU B 331 -38.22 1.70 28.04
N ILE B 332 -37.23 2.58 27.93
CA ILE B 332 -37.46 4.00 28.13
C ILE B 332 -38.09 4.58 26.88
N ARG B 333 -37.77 3.98 25.75
CA ARG B 333 -38.36 4.36 24.47
C ARG B 333 -39.70 3.68 24.31
N SER B 334 -39.79 2.45 24.82
CA SER B 334 -41.03 1.68 24.78
C SER B 334 -42.10 2.33 25.64
N LYS B 335 -41.69 2.89 26.76
CA LYS B 335 -42.60 3.59 27.65
C LYS B 335 -42.58 5.09 27.34
N LYS B 336 -42.82 5.42 26.07
CA LYS B 336 -42.86 6.81 25.62
C LYS B 336 -44.21 7.11 24.98
N LYS B 337 -44.77 8.27 25.29
CA LYS B 337 -46.06 8.71 24.77
C LYS B 337 -46.19 8.44 23.27
N HIS B 338 -45.38 9.13 22.48
CA HIS B 338 -45.41 9.02 21.02
C HIS B 338 -45.37 7.58 20.52
N PHE B 339 -44.58 6.75 21.18
CA PHE B 339 -44.35 5.38 20.71
C PHE B 339 -45.53 4.46 21.02
N VAL B 340 -46.04 4.55 22.24
CA VAL B 340 -47.16 3.71 22.68
C VAL B 340 -48.39 3.86 21.79
N LYS B 341 -48.68 5.10 21.40
CA LYS B 341 -49.86 5.38 20.60
C LYS B 341 -49.72 4.84 19.18
N GLN B 342 -48.48 4.70 18.72
CA GLN B 342 -48.22 4.28 17.34
C GLN B 342 -47.90 2.79 17.24
N LEU B 343 -48.23 2.04 18.28
CA LEU B 343 -48.11 0.59 18.24
C LEU B 343 -49.46 -0.03 17.89
N LYS B 344 -50.46 0.82 17.70
CA LYS B 344 -51.79 0.37 17.29
C LYS B 344 -51.88 0.42 15.77
N GLU B 345 -50.74 0.34 15.11
CA GLU B 345 -50.66 0.41 13.66
C GLU B 345 -49.35 -0.23 13.21
N GLY B 346 -48.53 -0.61 14.17
CA GLY B 346 -47.21 -1.18 13.88
C GLY B 346 -46.28 -0.13 13.33
N LYS B 347 -45.70 0.67 14.23
CA LYS B 347 -44.78 1.73 13.83
C LYS B 347 -43.67 1.18 12.94
N LYS B 348 -43.22 -0.03 13.27
CA LYS B 348 -42.16 -0.69 12.50
C LYS B 348 -42.38 -2.20 12.49
N PRO B 349 -41.73 -2.91 11.56
CA PRO B 349 -41.77 -4.37 11.53
C PRO B 349 -41.18 -4.95 12.82
N ASP B 350 -39.92 -4.64 13.08
CA ASP B 350 -39.22 -5.14 14.25
C ASP B 350 -39.43 -4.28 15.51
N LEU B 351 -39.28 -2.97 15.35
CA LEU B 351 -39.38 -2.05 16.49
C LEU B 351 -40.80 -2.01 17.08
N SER B 352 -41.59 -3.04 16.77
CA SER B 352 -42.90 -3.22 17.37
C SER B 352 -42.95 -4.57 18.08
N ARG B 353 -42.51 -5.61 17.39
CA ARG B 353 -42.53 -6.97 17.92
C ARG B 353 -41.38 -7.24 18.88
N LYS B 354 -40.24 -6.61 18.62
CA LYS B 354 -39.07 -6.76 19.47
C LYS B 354 -39.37 -6.27 20.88
N LEU B 355 -40.26 -5.28 20.97
CA LEU B 355 -40.71 -4.78 22.26
C LEU B 355 -41.31 -5.94 23.04
N GLU B 356 -42.11 -6.74 22.35
CA GLU B 356 -42.80 -7.88 22.94
C GLU B 356 -41.85 -8.98 23.38
N ILE B 357 -40.87 -9.30 22.52
CA ILE B 357 -39.95 -10.40 22.79
C ILE B 357 -39.03 -10.09 23.98
N LEU B 358 -39.13 -8.88 24.52
CA LEU B 358 -38.37 -8.52 25.71
C LEU B 358 -39.09 -8.93 26.97
N LYS B 359 -40.34 -8.49 27.11
CA LYS B 359 -41.12 -8.75 28.30
C LYS B 359 -41.36 -10.25 28.50
N GLU B 360 -41.03 -11.05 27.49
CA GLU B 360 -41.18 -12.50 27.57
C GLU B 360 -39.95 -13.16 28.17
N ILE B 361 -38.78 -12.58 27.92
CA ILE B 361 -37.53 -13.10 28.46
C ILE B 361 -37.21 -12.43 29.78
N LYS B 362 -37.80 -11.26 30.00
CA LYS B 362 -37.63 -10.53 31.27
C LYS B 362 -38.41 -11.25 32.38
N ALA B 363 -39.51 -11.89 31.99
CA ALA B 363 -40.29 -12.69 32.92
C ALA B 363 -39.57 -14.00 33.21
N GLU B 364 -38.59 -14.32 32.37
CA GLU B 364 -37.74 -15.48 32.59
C GLU B 364 -36.52 -15.10 33.41
N LEU B 365 -36.32 -13.80 33.61
CA LEU B 365 -35.26 -13.30 34.47
C LEU B 365 -35.54 -13.66 35.92
N LYS B 366 -36.50 -12.96 36.53
CA LYS B 366 -36.90 -13.22 37.91
C LYS B 366 -37.53 -14.60 38.04
N ASN B 367 -37.61 -15.32 36.92
CA ASN B 367 -38.24 -16.63 36.88
C ASN B 367 -37.57 -17.64 37.81
N ALA B 368 -36.62 -18.41 37.26
CA ALA B 368 -35.93 -19.44 38.03
C ALA B 368 -35.12 -18.84 39.19
N VAL B 369 -34.42 -19.71 39.91
CA VAL B 369 -33.63 -19.28 41.05
C VAL B 369 -32.58 -18.23 40.69
N LYS B 370 -31.94 -17.66 41.70
CA LYS B 370 -30.93 -16.61 41.50
C LYS B 370 -29.60 -17.18 41.00
N SER B 371 -29.27 -18.39 41.46
CA SER B 371 -28.00 -19.02 41.11
C SER B 371 -27.91 -19.41 39.63
N GLU B 372 -28.99 -19.19 38.90
CA GLU B 372 -29.02 -19.54 37.48
C GLU B 372 -28.98 -18.30 36.58
N LYS B 373 -28.24 -17.28 37.02
CA LYS B 373 -28.00 -16.10 36.20
C LYS B 373 -27.00 -16.44 35.10
N ASP B 374 -26.17 -17.45 35.37
CA ASP B 374 -25.21 -17.93 34.39
C ASP B 374 -25.92 -18.66 33.26
N GLU B 375 -27.24 -18.70 33.34
CA GLU B 375 -28.05 -19.40 32.35
C GLU B 375 -28.50 -18.45 31.24
N LEU B 376 -28.88 -17.22 31.63
CA LEU B 376 -29.36 -16.23 30.68
C LEU B 376 -28.50 -16.19 29.42
N LEU B 377 -27.18 -16.07 29.61
CA LEU B 377 -26.27 -15.91 28.47
C LEU B 377 -26.35 -17.10 27.52
N PHE B 378 -26.07 -18.30 28.02
CA PHE B 378 -26.14 -19.50 27.20
C PHE B 378 -27.53 -20.13 27.29
N SER B 379 -28.55 -19.31 27.09
CA SER B 379 -29.93 -19.79 27.08
C SER B 379 -30.84 -18.76 26.43
N LEU B 380 -30.35 -17.53 26.30
CA LEU B 380 -31.15 -16.44 25.73
C LEU B 380 -30.42 -15.72 24.60
N TYR B 381 -29.18 -16.14 24.34
CA TYR B 381 -28.37 -15.50 23.31
C TYR B 381 -29.08 -15.43 21.97
N ASP B 382 -29.60 -16.57 21.51
CA ASP B 382 -30.25 -16.64 20.20
C ASP B 382 -31.47 -15.74 20.14
N LYS B 383 -32.22 -15.70 21.24
CA LYS B 383 -33.45 -14.90 21.29
C LYS B 383 -33.17 -13.45 21.67
N TRP B 384 -31.89 -13.11 21.83
CA TRP B 384 -31.52 -11.74 22.17
C TRP B 384 -31.06 -10.98 20.93
N VAL B 385 -30.57 -11.74 19.95
CA VAL B 385 -30.06 -11.16 18.71
C VAL B 385 -30.97 -10.09 18.09
N PRO B 386 -32.26 -10.40 17.90
CA PRO B 386 -33.18 -9.49 17.22
C PRO B 386 -33.12 -8.06 17.75
N LEU B 387 -32.81 -7.93 19.04
CA LEU B 387 -32.78 -6.62 19.69
C LEU B 387 -31.67 -5.73 19.16
N PHE B 388 -30.57 -6.33 18.73
CA PHE B 388 -29.43 -5.57 18.24
C PHE B 388 -29.62 -5.10 16.80
N GLU B 389 -30.79 -4.53 16.54
CA GLU B 389 -31.14 -4.00 15.22
C GLU B 389 -31.41 -2.51 15.26
N GLY B 390 -32.48 -2.13 15.97
CA GLY B 390 -32.86 -0.74 16.11
C GLY B 390 -31.84 0.07 16.88
N GLU B 391 -30.76 -0.58 17.31
CA GLU B 391 -29.69 0.07 18.04
C GLU B 391 -28.33 -0.12 17.34
N LEU B 392 -27.40 -0.76 18.03
CA LEU B 392 -26.06 -0.97 17.51
C LEU B 392 -26.07 -1.77 16.22
N PRO B 393 -25.19 -1.40 15.27
CA PRO B 393 -25.05 -2.13 14.00
C PRO B 393 -24.50 -3.51 14.28
N ASP B 394 -23.32 -3.56 14.90
CA ASP B 394 -22.69 -4.82 15.28
C ASP B 394 -22.20 -4.73 16.72
N GLN B 395 -22.04 -5.88 17.38
CA GLN B 395 -21.76 -5.88 18.81
C GLN B 395 -20.67 -6.89 19.20
N PRO B 396 -20.13 -6.76 20.42
CA PRO B 396 -19.11 -7.63 21.00
C PRO B 396 -19.24 -9.11 20.62
N LEU B 397 -20.32 -9.75 21.05
CA LEU B 397 -20.49 -11.17 20.76
C LEU B 397 -20.86 -11.43 19.31
N ALA B 398 -19.85 -11.46 18.44
CA ALA B 398 -20.08 -11.65 17.01
C ALA B 398 -18.95 -12.45 16.39
N ASN B 399 -19.13 -12.85 15.13
CA ASN B 399 -18.09 -13.56 14.40
C ASN B 399 -17.39 -12.62 13.42
N PRO B 400 -16.10 -12.33 13.69
CA PRO B 400 -15.35 -11.36 12.90
C PRO B 400 -15.20 -11.79 11.44
N PHE B 401 -15.08 -13.10 11.24
CA PHE B 401 -14.69 -13.62 9.94
C PHE B 401 -15.88 -13.91 9.03
N SER B 402 -16.74 -12.91 8.86
CA SER B 402 -17.94 -13.07 8.04
C SER B 402 -18.35 -11.74 7.42
N GLU B 403 -17.76 -10.65 7.90
CA GLU B 403 -18.12 -9.32 7.43
C GLU B 403 -17.00 -8.73 6.58
N ARG B 404 -17.34 -8.37 5.34
CA ARG B 404 -16.39 -7.72 4.43
C ARG B 404 -15.35 -6.90 5.17
N LEU B 405 -15.74 -5.69 5.57
CA LEU B 405 -14.82 -4.71 6.16
C LEU B 405 -13.82 -5.32 7.14
N TYR B 406 -14.32 -6.02 8.14
CA TYR B 406 -13.44 -6.59 9.16
C TYR B 406 -12.59 -7.73 8.62
N LYS B 407 -11.93 -7.51 7.49
CA LYS B 407 -11.09 -8.57 6.93
C LYS B 407 -9.71 -8.09 6.52
N LEU B 408 -9.65 -7.31 5.44
CA LEU B 408 -8.37 -6.91 4.90
C LEU B 408 -7.42 -6.47 6.02
N ARG B 409 -7.90 -5.59 6.89
CA ARG B 409 -7.08 -5.05 7.97
C ARG B 409 -6.98 -5.97 9.18
N LEU B 410 -7.74 -7.06 9.17
CA LEU B 410 -7.78 -7.97 10.31
C LEU B 410 -6.76 -9.12 10.20
N GLN B 411 -5.78 -9.14 11.09
CA GLN B 411 -4.80 -10.22 11.10
C GLN B 411 -5.24 -11.44 11.91
N GLU B 412 -5.73 -12.46 11.19
CA GLU B 412 -6.34 -13.64 11.80
C GLU B 412 -5.33 -14.56 12.47
N PHE B 413 -4.28 -13.99 13.05
CA PHE B 413 -3.30 -14.79 13.78
C PHE B 413 -2.94 -14.10 15.09
N PHE B 414 -3.50 -12.91 15.27
CA PHE B 414 -3.33 -12.20 16.53
C PHE B 414 -3.89 -13.06 17.64
N LEU B 415 -3.10 -13.24 18.69
CA LEU B 415 -3.57 -13.96 19.87
C LEU B 415 -3.55 -13.03 21.07
N GLY B 416 -3.18 -11.79 20.83
CA GLY B 416 -3.14 -10.79 21.88
C GLY B 416 -1.87 -9.99 21.91
N ARG B 417 -1.70 -9.23 22.99
CA ARG B 417 -0.55 -8.34 23.13
C ARG B 417 -0.37 -8.01 24.60
N VAL B 418 0.88 -7.92 25.05
CA VAL B 418 1.15 -7.63 26.45
C VAL B 418 2.12 -6.45 26.61
N PRO B 419 1.70 -5.44 27.38
CA PRO B 419 2.44 -4.21 27.66
C PRO B 419 3.90 -4.49 27.96
N HIS B 420 4.79 -3.60 27.50
CA HIS B 420 6.21 -3.72 27.80
C HIS B 420 6.80 -5.10 27.45
N ILE B 421 6.11 -5.84 26.60
CA ILE B 421 6.64 -7.11 26.13
C ILE B 421 6.41 -7.26 24.63
N GLY B 422 5.15 -7.35 24.23
CA GLY B 422 4.82 -7.37 22.81
C GLY B 422 3.62 -8.22 22.36
N ASP B 423 3.54 -8.42 21.05
CA ASP B 423 2.43 -9.15 20.44
C ASP B 423 2.75 -10.64 20.35
N PHE B 424 1.71 -11.44 20.12
CA PHE B 424 1.86 -12.89 20.03
C PHE B 424 0.96 -13.47 18.94
N TYR B 425 1.57 -13.90 17.83
CA TYR B 425 0.81 -14.46 16.73
C TYR B 425 0.93 -15.98 16.68
N MET B 426 -0.06 -16.62 16.06
CA MET B 426 -0.01 -18.06 15.87
C MET B 426 -0.42 -18.40 14.44
N PRO B 427 0.58 -18.53 13.54
CA PRO B 427 0.37 -18.80 12.13
C PRO B 427 -0.40 -20.09 11.93
N ARG B 428 -1.70 -19.98 11.70
CA ARG B 428 -2.55 -21.16 11.52
C ARG B 428 -2.70 -21.56 10.07
N LEU B 429 -3.91 -21.44 9.53
CA LEU B 429 -4.18 -21.95 8.20
C LEU B 429 -5.48 -21.38 7.62
N HIS B 430 -6.23 -22.26 6.97
CA HIS B 430 -7.50 -21.93 6.35
C HIS B 430 -8.48 -21.32 7.35
N SER B 431 -9.19 -20.26 6.93
CA SER B 431 -10.02 -19.50 7.87
C SER B 431 -11.27 -18.86 7.25
N TYR B 432 -11.32 -18.82 5.92
CA TYR B 432 -12.44 -18.19 5.25
C TYR B 432 -13.09 -19.10 4.21
N GLY B 433 -14.40 -18.96 4.05
CA GLY B 433 -15.11 -19.64 2.97
C GLY B 433 -15.63 -21.03 3.26
N ASP B 434 -15.25 -21.98 2.41
CA ASP B 434 -15.78 -23.34 2.51
C ASP B 434 -15.06 -24.14 3.59
N SER B 435 -15.66 -25.26 3.97
CA SER B 435 -15.03 -26.18 4.92
C SER B 435 -14.77 -25.55 6.29
N LEU B 436 -15.45 -24.46 6.60
CA LEU B 436 -15.26 -23.80 7.89
C LEU B 436 -15.92 -24.59 9.03
N GLU B 437 -15.75 -25.90 9.01
CA GLU B 437 -16.38 -26.77 9.98
C GLU B 437 -15.73 -26.64 11.35
N MET B 438 -14.43 -26.89 11.40
CA MET B 438 -13.68 -26.89 12.66
C MET B 438 -12.72 -25.71 12.78
N SER B 439 -13.02 -24.60 12.12
CA SER B 439 -12.15 -23.44 12.20
C SER B 439 -12.27 -22.81 13.58
N THR B 440 -11.12 -22.53 14.20
CA THR B 440 -11.10 -21.84 15.48
C THR B 440 -11.34 -20.35 15.29
N PHE B 441 -11.50 -19.95 14.03
CA PHE B 441 -11.81 -18.57 13.70
C PHE B 441 -13.32 -18.42 13.62
N THR B 442 -13.94 -18.07 14.76
CA THR B 442 -15.39 -17.96 14.81
C THR B 442 -15.84 -17.07 15.96
N ASP B 443 -17.16 -16.97 16.13
CA ASP B 443 -17.73 -16.23 17.24
C ASP B 443 -17.18 -16.75 18.56
N LEU B 444 -16.63 -15.84 19.37
CA LEU B 444 -16.11 -16.20 20.68
C LEU B 444 -17.03 -17.20 21.39
N ARG B 445 -18.32 -17.04 21.19
CA ARG B 445 -19.31 -17.94 21.75
C ARG B 445 -19.11 -19.36 21.23
N ASN B 446 -19.10 -19.50 19.91
CA ASN B 446 -18.83 -20.78 19.27
C ASN B 446 -17.47 -21.32 19.70
N LEU B 447 -16.43 -20.55 19.40
CA LEU B 447 -15.06 -20.91 19.75
C LEU B 447 -14.98 -21.45 21.17
N GLN B 448 -15.53 -20.70 22.12
CA GLN B 448 -15.50 -21.10 23.52
C GLN B 448 -15.91 -22.57 23.68
N ALA B 449 -17.07 -22.92 23.15
CA ALA B 449 -17.58 -24.28 23.25
C ALA B 449 -16.75 -25.25 22.41
N LEU B 450 -16.52 -24.87 21.15
CA LEU B 450 -15.80 -25.71 20.21
C LEU B 450 -14.44 -26.14 20.78
N LEU B 451 -13.81 -25.27 21.55
CA LEU B 451 -12.57 -25.62 22.24
C LEU B 451 -12.88 -26.49 23.44
N SER B 452 -13.90 -26.09 24.20
CA SER B 452 -14.25 -26.75 25.44
C SER B 452 -14.43 -28.26 25.26
N LYS B 453 -15.14 -28.65 24.22
CA LYS B 453 -15.44 -30.05 23.98
C LYS B 453 -14.17 -30.87 23.82
N PHE B 454 -13.14 -30.27 23.22
CA PHE B 454 -11.85 -30.95 23.06
C PHE B 454 -11.15 -31.13 24.40
N LYS B 455 -11.28 -30.14 25.28
CA LYS B 455 -10.67 -30.20 26.59
C LYS B 455 -11.26 -31.35 27.39
N ASN B 456 -12.49 -31.73 27.04
CA ASN B 456 -13.20 -32.76 27.77
C ASN B 456 -13.17 -34.11 27.07
N ASN B 457 -12.48 -34.17 25.94
CA ASN B 457 -12.46 -35.39 25.12
C ASN B 457 -13.85 -35.76 24.61
N GLU B 458 -14.65 -34.74 24.32
CA GLU B 458 -15.96 -34.95 23.72
C GLU B 458 -15.85 -34.90 22.20
N TYR B 459 -14.74 -34.36 21.71
CA TYR B 459 -14.47 -34.30 20.28
C TYR B 459 -13.06 -34.76 19.92
N ASN B 460 -12.96 -35.97 19.39
CA ASN B 460 -11.68 -36.57 19.05
C ASN B 460 -11.25 -36.13 17.66
N ALA B 461 -9.98 -36.36 17.33
CA ALA B 461 -9.47 -36.07 16.00
C ALA B 461 -10.35 -36.76 14.96
N PHE B 462 -10.91 -37.90 15.35
CA PHE B 462 -11.86 -38.58 14.50
C PHE B 462 -12.92 -37.59 14.06
N THR B 463 -13.70 -37.10 15.01
CA THR B 463 -14.76 -36.13 14.72
C THR B 463 -14.19 -34.98 13.91
N LEU B 464 -13.04 -34.48 14.36
CA LEU B 464 -12.34 -33.40 13.66
C LEU B 464 -12.19 -33.76 12.19
N PHE B 465 -11.87 -35.03 11.93
CA PHE B 465 -11.65 -35.51 10.58
C PHE B 465 -12.95 -35.65 9.78
N GLU B 466 -14.01 -36.09 10.45
CA GLU B 466 -15.28 -36.35 9.80
C GLU B 466 -15.87 -35.08 9.17
N ASN B 467 -15.45 -33.93 9.67
CA ASN B 467 -15.96 -32.66 9.13
C ASN B 467 -14.89 -31.77 8.52
N ASP B 468 -14.37 -32.18 7.38
CA ASP B 468 -13.39 -31.37 6.64
C ASP B 468 -12.27 -30.91 7.54
N GLY B 469 -11.87 -31.76 8.47
CA GLY B 469 -10.82 -31.44 9.42
C GLY B 469 -9.48 -31.23 8.74
N GLN B 470 -9.29 -31.86 7.60
CA GLN B 470 -8.05 -31.73 6.86
C GLN B 470 -7.94 -30.32 6.31
N SER B 471 -9.05 -29.59 6.31
CA SER B 471 -9.05 -28.23 5.78
C SER B 471 -8.08 -27.34 6.54
N MET B 472 -7.97 -27.57 7.84
CA MET B 472 -7.01 -26.84 8.66
C MET B 472 -5.71 -27.61 8.74
N SER B 473 -4.58 -26.93 8.55
CA SER B 473 -3.28 -27.56 8.72
C SER B 473 -3.12 -27.98 10.18
N ALA B 474 -2.46 -29.12 10.38
CA ALA B 474 -2.30 -29.66 11.73
C ALA B 474 -1.19 -28.96 12.47
N GLN B 475 0.02 -29.10 11.96
CA GLN B 475 1.21 -28.54 12.61
C GLN B 475 1.05 -27.04 12.77
N PHE B 476 1.78 -26.47 13.73
CA PHE B 476 1.67 -25.05 14.02
C PHE B 476 2.89 -24.56 14.79
N LYS B 477 2.99 -23.25 14.95
CA LYS B 477 4.05 -22.64 15.75
C LYS B 477 3.48 -21.44 16.49
N LEU B 478 4.06 -21.14 17.65
CA LEU B 478 3.73 -19.91 18.35
C LEU B 478 4.84 -18.91 18.10
N PHE B 479 4.53 -17.63 18.20
CA PHE B 479 5.54 -16.61 17.93
C PHE B 479 5.38 -15.36 18.78
N TYR B 480 6.47 -14.96 19.43
CA TYR B 480 6.54 -13.63 20.03
C TYR B 480 7.12 -12.68 19.00
N HIS B 481 6.46 -11.55 18.81
CA HIS B 481 6.90 -10.56 17.83
C HIS B 481 7.16 -9.22 18.50
N ASP B 482 8.42 -8.81 18.50
CA ASP B 482 8.84 -7.60 19.21
C ASP B 482 8.38 -6.32 18.50
N THR B 483 7.06 -6.16 18.37
CA THR B 483 6.51 -4.93 17.83
C THR B 483 7.05 -3.68 18.55
N PRO B 484 7.17 -3.74 19.89
CA PRO B 484 7.70 -2.57 20.60
C PRO B 484 9.00 -2.08 19.97
N SER B 485 9.94 -2.99 19.76
CA SER B 485 11.23 -2.64 19.20
C SER B 485 11.08 -2.14 17.77
N LEU B 486 10.57 -3.00 16.91
CA LEU B 486 10.40 -2.70 15.49
C LEU B 486 9.68 -1.37 15.29
N ALA B 487 9.00 -0.91 16.33
CA ALA B 487 8.34 0.39 16.30
C ALA B 487 9.38 1.48 16.55
N HIS B 488 9.94 1.48 17.76
CA HIS B 488 10.91 2.50 18.14
C HIS B 488 12.07 2.54 17.16
N ASP B 489 12.18 1.50 16.33
CA ASP B 489 13.18 1.48 15.27
C ASP B 489 12.74 2.34 14.10
N VAL B 490 11.54 2.09 13.59
CA VAL B 490 11.02 2.86 12.47
C VAL B 490 10.72 4.30 12.87
N ALA B 491 10.01 4.45 13.99
CA ALA B 491 9.57 5.75 14.47
C ALA B 491 10.71 6.73 14.68
N ARG B 492 11.94 6.22 14.75
CA ARG B 492 13.08 7.06 15.05
C ARG B 492 13.99 7.24 13.84
N GLY B 493 13.88 6.36 12.86
CA GLY B 493 14.66 6.51 11.66
C GLY B 493 14.68 5.35 10.69
N ARG B 494 13.61 4.56 10.68
CA ARG B 494 13.48 3.44 9.75
C ARG B 494 14.82 2.71 9.48
N ASN B 495 15.62 2.52 10.52
CA ASN B 495 16.96 1.95 10.37
C ASN B 495 16.96 0.55 9.74
N THR B 496 16.06 -0.30 10.23
CA THR B 496 16.00 -1.73 9.90
C THR B 496 16.63 -2.13 8.58
N SER B 497 17.28 -3.28 8.57
CA SER B 497 17.91 -3.79 7.37
C SER B 497 18.15 -5.29 7.48
N GLY B 498 18.84 -5.68 8.55
CA GLY B 498 19.13 -7.09 8.78
C GLY B 498 18.88 -7.47 10.22
N LYS B 499 17.80 -6.93 10.78
CA LYS B 499 17.47 -7.21 12.18
C LYS B 499 16.38 -8.26 12.32
N VAL B 500 16.14 -8.68 13.56
CA VAL B 500 15.10 -9.67 13.82
C VAL B 500 14.12 -9.20 14.89
N TYR B 501 12.84 -9.44 14.64
CA TYR B 501 11.78 -9.07 15.57
C TYR B 501 10.80 -10.24 15.70
N TRP B 502 11.24 -11.44 15.32
CA TRP B 502 10.38 -12.62 15.34
C TRP B 502 11.04 -13.79 16.07
N TYR B 503 10.28 -14.48 16.92
CA TYR B 503 10.84 -15.59 17.71
C TYR B 503 9.88 -16.77 17.87
N GLU B 504 10.41 -17.97 17.68
CA GLU B 504 9.64 -19.20 17.89
C GLU B 504 9.55 -19.50 19.38
N LEU B 505 8.38 -19.94 19.83
CA LEU B 505 8.19 -20.25 21.25
C LEU B 505 7.84 -21.71 21.46
N CYS B 506 7.32 -22.36 20.42
CA CYS B 506 7.00 -23.78 20.46
C CYS B 506 6.55 -24.27 19.09
N HIS B 507 6.32 -25.57 18.97
CA HIS B 507 6.03 -26.17 17.68
C HIS B 507 5.28 -27.50 17.76
N ASP B 508 4.52 -27.68 18.84
CA ASP B 508 3.72 -28.90 19.00
C ASP B 508 3.00 -28.90 20.35
N SER B 509 2.49 -30.07 20.74
CA SER B 509 1.76 -30.20 21.99
C SER B 509 2.63 -29.88 23.19
N ALA B 510 3.37 -30.88 23.65
CA ALA B 510 4.19 -30.76 24.85
C ALA B 510 4.97 -29.45 24.87
N THR B 511 5.56 -29.08 23.74
CA THR B 511 6.30 -27.84 23.66
C THR B 511 5.46 -26.68 24.18
N LEU B 512 4.21 -26.62 23.73
CA LEU B 512 3.30 -25.58 24.17
C LEU B 512 3.24 -25.53 25.70
N LEU B 513 3.16 -26.70 26.32
CA LEU B 513 3.17 -26.80 27.77
C LEU B 513 4.46 -26.22 28.33
N GLU B 514 5.59 -26.68 27.82
CA GLU B 514 6.90 -26.19 28.28
C GLU B 514 6.94 -24.67 28.23
N PHE B 515 6.08 -24.10 27.40
CA PHE B 515 5.96 -22.65 27.30
C PHE B 515 4.90 -22.17 28.29
N LEU B 516 3.76 -22.87 28.33
CA LEU B 516 2.69 -22.53 29.25
C LEU B 516 3.20 -22.55 30.68
N GLU B 517 3.79 -23.68 31.06
CA GLU B 517 4.45 -23.82 32.34
C GLU B 517 5.41 -22.66 32.53
N PHE B 518 6.20 -22.40 31.49
CA PHE B 518 7.14 -21.30 31.47
C PHE B 518 6.44 -19.96 31.74
N LEU B 519 5.27 -19.80 31.14
CA LEU B 519 4.51 -18.55 31.25
C LEU B 519 4.30 -18.10 32.68
N ASP B 520 3.72 -18.98 33.50
CA ASP B 520 3.43 -18.66 34.89
C ASP B 520 4.55 -17.86 35.54
N TYR B 521 5.79 -18.32 35.35
CA TYR B 521 6.96 -17.70 35.98
C TYR B 521 6.93 -16.18 35.93
N LYS B 522 6.35 -15.63 34.87
CA LYS B 522 6.24 -14.18 34.73
C LYS B 522 4.97 -13.67 35.39
N ILE B 523 3.87 -14.39 35.17
CA ILE B 523 2.59 -14.01 35.73
C ILE B 523 2.65 -13.91 37.25
N VAL B 524 3.45 -14.78 37.87
CA VAL B 524 3.62 -14.75 39.32
C VAL B 524 3.92 -13.35 39.80
N LYS B 525 3.07 -12.84 40.68
CA LYS B 525 3.31 -11.53 41.27
C LYS B 525 4.15 -11.70 42.52
N PRO B 526 5.40 -11.24 42.47
CA PRO B 526 6.36 -11.40 43.58
C PRO B 526 5.83 -10.85 44.89
N GLN B 527 5.10 -11.69 45.62
CA GLN B 527 4.59 -11.32 46.93
C GLN B 527 5.75 -11.11 47.89
N ASP B 528 6.96 -11.30 47.38
CA ASP B 528 8.18 -11.16 48.17
C ASP B 528 8.48 -9.70 48.52
N GLU B 529 7.41 -8.92 48.69
CA GLU B 529 7.56 -7.55 49.17
C GLU B 529 7.62 -7.56 50.69
N LYS B 530 7.05 -8.59 51.29
CA LYS B 530 7.07 -8.77 52.74
C LYS B 530 8.29 -9.58 53.18
N LYS B 531 9.47 -9.19 52.69
CA LYS B 531 10.72 -9.85 53.08
C LYS B 531 11.22 -9.35 54.43
N GLU B 532 12.38 -9.86 54.85
CA GLU B 532 12.98 -9.46 56.12
C GLU B 532 12.02 -9.68 57.29
N THR B 553 10.57 -22.38 40.93
CA THR B 553 11.78 -22.22 40.14
C THR B 553 12.84 -23.24 40.56
N THR B 554 13.91 -23.34 39.77
CA THR B 554 15.03 -24.22 40.10
C THR B 554 16.33 -23.41 40.22
N ASP B 555 17.23 -23.88 41.06
CA ASP B 555 18.47 -23.16 41.34
C ASP B 555 19.52 -23.33 40.24
N ASN B 556 20.32 -22.29 40.02
CA ASN B 556 21.38 -22.31 39.02
C ASN B 556 20.87 -22.70 37.64
N ASN B 557 19.60 -22.39 37.37
CA ASN B 557 19.00 -22.69 36.09
C ASN B 557 18.64 -21.46 35.24
N PRO B 558 18.45 -20.29 35.88
CA PRO B 558 18.28 -19.06 35.10
C PRO B 558 19.52 -18.78 34.24
N SER B 559 20.33 -19.81 34.04
CA SER B 559 21.48 -19.74 33.13
C SER B 559 21.03 -20.03 31.71
N ILE B 560 19.86 -20.63 31.57
CA ILE B 560 19.29 -20.93 30.26
C ILE B 560 17.84 -20.47 30.14
N ASN B 561 17.37 -19.75 31.17
CA ASN B 561 16.06 -19.09 31.14
C ASN B 561 15.70 -18.35 32.44
N THR B 562 15.83 -17.02 32.41
CA THR B 562 15.45 -16.19 33.54
C THR B 562 13.93 -16.16 33.68
N ASN B 563 13.44 -16.12 34.91
CA ASN B 563 12.00 -16.26 35.13
C ASN B 563 11.24 -15.05 35.71
N PRO B 564 11.57 -14.63 36.94
CA PRO B 564 10.74 -13.64 37.65
C PRO B 564 10.47 -12.37 36.84
N LEU B 565 9.23 -11.88 36.88
CA LEU B 565 8.87 -10.64 36.21
C LEU B 565 9.08 -9.48 37.19
N PRO B 566 9.48 -8.30 36.68
CA PRO B 566 9.81 -7.13 37.51
C PRO B 566 8.62 -6.65 38.35
N LYS B 567 8.72 -6.76 39.67
CA LYS B 567 7.65 -6.34 40.56
C LYS B 567 7.52 -4.83 40.61
N ASP B 568 6.44 -4.32 40.01
CA ASP B 568 6.22 -2.89 39.89
C ASP B 568 4.97 -2.66 39.06
N ALA B 569 4.21 -1.63 39.41
CA ALA B 569 2.94 -1.33 38.73
C ALA B 569 2.98 -1.58 37.23
N LYS B 570 3.87 -0.87 36.54
CA LYS B 570 3.96 -0.90 35.07
C LYS B 570 3.89 -2.30 34.49
N TYR B 571 4.30 -3.29 35.27
CA TYR B 571 4.35 -4.66 34.79
C TYR B 571 3.21 -5.51 35.35
N ASN B 572 2.30 -4.87 36.06
CA ASN B 572 1.06 -5.51 36.48
C ASN B 572 0.15 -5.64 35.27
N THR B 573 -0.14 -4.51 34.65
CA THR B 573 -0.94 -4.47 33.43
C THR B 573 -0.48 -5.57 32.48
N ALA B 574 0.80 -5.92 32.58
CA ALA B 574 1.37 -6.97 31.75
C ALA B 574 0.88 -8.35 32.17
N ARG B 575 1.06 -8.67 33.46
CA ARG B 575 0.64 -9.95 33.99
C ARG B 575 -0.80 -10.26 33.58
N LYS B 576 -1.70 -9.34 33.91
CA LYS B 576 -3.11 -9.53 33.61
C LYS B 576 -3.32 -10.06 32.19
N LYS B 577 -2.70 -9.41 31.21
CA LYS B 577 -2.80 -9.86 29.83
C LYS B 577 -2.09 -11.20 29.61
N LEU B 578 -0.87 -11.32 30.12
CA LEU B 578 -0.14 -12.58 30.07
C LEU B 578 -1.00 -13.73 30.60
N GLN B 579 -1.75 -13.46 31.66
CA GLN B 579 -2.65 -14.45 32.22
C GLN B 579 -3.59 -15.03 31.18
N ILE B 580 -4.39 -14.16 30.54
CA ILE B 580 -5.36 -14.62 29.55
C ILE B 580 -4.65 -15.45 28.49
N LEU B 581 -3.51 -14.96 28.03
CA LEU B 581 -2.76 -15.68 27.00
C LEU B 581 -2.60 -17.14 27.41
N LYS B 582 -2.08 -17.35 28.62
CA LYS B 582 -2.01 -18.69 29.17
C LYS B 582 -3.39 -19.34 29.06
N GLU B 583 -4.38 -18.71 29.69
CA GLU B 583 -5.74 -19.23 29.70
C GLU B 583 -6.14 -19.74 28.33
N PHE B 584 -6.03 -18.87 27.32
CA PHE B 584 -6.33 -19.24 25.95
C PHE B 584 -5.49 -20.43 25.50
N LEU B 585 -4.20 -20.19 25.32
CA LEU B 585 -3.30 -21.24 24.87
C LEU B 585 -3.56 -22.56 25.60
N SER B 586 -3.84 -22.46 26.90
CA SER B 586 -4.13 -23.65 27.70
C SER B 586 -5.35 -24.38 27.15
N ASP B 587 -6.36 -23.63 26.74
CA ASP B 587 -7.57 -24.22 26.15
C ASP B 587 -7.31 -24.63 24.70
N TYR B 588 -6.69 -23.72 23.94
CA TYR B 588 -6.31 -24.02 22.57
C TYR B 588 -5.64 -25.38 22.49
N TYR B 589 -4.63 -25.58 23.32
CA TYR B 589 -3.88 -26.83 23.38
C TYR B 589 -4.65 -28.02 22.80
N PHE B 590 -5.63 -28.49 23.57
CA PHE B 590 -6.35 -29.72 23.25
C PHE B 590 -6.71 -29.85 21.77
N ILE B 591 -7.39 -28.85 21.22
CA ILE B 591 -7.77 -28.88 19.82
C ILE B 591 -6.52 -28.94 18.94
N LEU B 592 -5.50 -28.15 19.29
CA LEU B 592 -4.23 -28.16 18.58
C LEU B 592 -3.62 -29.55 18.60
N ARG B 593 -3.50 -30.12 19.79
CA ARG B 593 -2.93 -31.43 19.97
C ARG B 593 -3.58 -32.38 18.98
N GLN B 594 -4.89 -32.48 19.05
CA GLN B 594 -5.65 -33.39 18.20
C GLN B 594 -5.33 -33.21 16.72
N PHE B 595 -5.19 -31.96 16.29
CA PHE B 595 -4.82 -31.67 14.91
C PHE B 595 -3.58 -32.45 14.53
N GLU B 596 -2.49 -32.25 15.29
CA GLU B 596 -1.27 -33.01 15.09
C GLU B 596 -1.61 -34.49 14.90
N GLN B 597 -2.24 -35.07 15.92
CA GLN B 597 -2.56 -36.48 15.92
C GLN B 597 -3.34 -36.87 14.67
N MET B 598 -4.27 -36.00 14.27
CA MET B 598 -5.08 -36.25 13.09
C MET B 598 -4.22 -36.56 11.88
N LYS B 599 -3.32 -35.64 11.54
CA LYS B 599 -2.44 -35.80 10.38
C LYS B 599 -1.56 -37.05 10.51
N VAL B 600 -1.44 -37.57 11.72
CA VAL B 600 -0.64 -38.77 11.96
C VAL B 600 -1.44 -40.02 11.65
N GLN B 601 -2.69 -40.05 12.10
CA GLN B 601 -3.58 -41.17 11.84
C GLN B 601 -4.06 -41.15 10.40
N PHE B 602 -4.88 -40.16 10.06
CA PHE B 602 -5.27 -39.94 8.68
C PHE B 602 -4.21 -39.08 8.01
N ALA B 603 -4.39 -38.80 6.74
CA ALA B 603 -3.45 -37.94 6.01
C ALA B 603 -3.86 -37.84 4.55
N ASP B 604 -4.83 -36.97 4.28
CA ASP B 604 -5.41 -36.90 2.95
C ASP B 604 -6.13 -38.21 2.64
N MET B 605 -7.44 -38.21 2.83
CA MET B 605 -8.26 -39.41 2.67
C MET B 605 -9.72 -39.10 2.94
N LYS B 606 -10.54 -39.11 1.89
CA LYS B 606 -11.96 -38.83 2.04
C LYS B 606 -12.65 -39.88 2.90
N PRO B 607 -13.60 -39.44 3.75
CA PRO B 607 -14.40 -40.33 4.58
C PRO B 607 -15.23 -41.27 3.72
N GLY B 608 -16.30 -40.74 3.10
CA GLY B 608 -17.14 -41.51 2.22
C GLY B 608 -18.44 -41.97 2.87
N LYS B 609 -19.12 -42.90 2.22
CA LYS B 609 -20.34 -43.48 2.77
C LYS B 609 -20.16 -44.97 3.06
N ARG B 610 -19.53 -45.68 2.13
CA ARG B 610 -19.25 -47.10 2.30
C ARG B 610 -18.00 -47.29 3.15
N GLN B 611 -17.20 -46.24 3.25
CA GLN B 611 -15.94 -46.29 4.00
C GLN B 611 -16.10 -45.67 5.39
N LEU B 612 -16.76 -44.51 5.46
CA LEU B 612 -16.94 -43.80 6.71
C LEU B 612 -17.24 -44.75 7.86
N ARG B 613 -18.26 -45.60 7.67
CA ARG B 613 -18.63 -46.58 8.67
C ARG B 613 -17.39 -47.31 9.18
N ARG B 614 -16.80 -48.13 8.31
CA ARG B 614 -15.62 -48.92 8.67
C ARG B 614 -14.58 -48.09 9.42
N ILE B 615 -14.35 -46.86 8.97
CA ILE B 615 -13.38 -45.98 9.62
C ILE B 615 -13.67 -45.87 11.11
N GLN B 616 -14.68 -45.09 11.46
CA GLN B 616 -15.07 -44.88 12.85
C GLN B 616 -15.23 -46.23 13.55
N ARG B 617 -15.80 -47.20 12.85
CA ARG B 617 -16.04 -48.52 13.43
C ARG B 617 -14.78 -49.10 14.06
N GLN B 618 -13.65 -48.86 13.41
CA GLN B 618 -12.38 -49.43 13.88
C GLN B 618 -12.03 -48.96 15.29
N THR B 619 -12.61 -47.84 15.71
CA THR B 619 -12.33 -47.27 17.02
C THR B 619 -12.97 -48.07 18.15
N VAL B 620 -14.02 -48.83 17.81
CA VAL B 620 -14.69 -49.68 18.78
C VAL B 620 -13.74 -50.78 19.23
N ASN B 621 -12.82 -51.16 18.35
CA ASN B 621 -11.76 -52.09 18.71
C ASN B 621 -10.66 -51.36 19.46
N TYR B 622 -10.31 -50.17 18.95
CA TYR B 622 -9.29 -49.30 19.53
C TYR B 622 -9.47 -49.10 21.03
N ASN B 623 -10.68 -48.69 21.42
CA ASN B 623 -10.99 -48.37 22.81
C ASN B 623 -10.69 -49.54 23.75
#